data_7UCL
#
_entry.id   7UCL
#
_cell.length_a   78.640
_cell.length_b   83.794
_cell.length_c   117.821
_cell.angle_alpha   90.000
_cell.angle_beta   103.090
_cell.angle_gamma   90.000
#
_symmetry.space_group_name_H-M   'P 1 21 1'
#
loop_
_entity.id
_entity.type
_entity.pdbx_description
1 polymer 'Polyketide synthase-related protein'
2 non-polymer 'MALONATE ION'
3 non-polymer 'MANGANESE (II) ION'
4 water water
#
_entity_poly.entity_id   1
_entity_poly.type   'polypeptide(L)'
_entity_poly.pdbx_seq_one_letter_code
;SNAMLQKINRYTHGFVAVPVILACREKGVFELLADESPLSLNQMVEHLGANSGHFQVALRMLESLHWLSRNKELKYSLTA
EAAIHNKISEDILQLYNLPIQSYLEGKQGNLLGRWIERSCQLWNLDNPLMADFLDGLLVIPLLLALHKHNLLADSEDKPL
LSSLSSTVQEELGKLFLHLGWADLTAGRLTITELGRFMGERALNTAIVASYTPMLSRIHDVLFGNCLSVFQRDASGHERH
IDRTLNVIGSGFQHQKYFADLEESILSVFNQLPLEEQPKYITDMGCGDGTLLKRVWETIQFKSARGKALEQYPLRLIGVD
YNEASLKATTRTLASLPHLVLQGDIGNPEQMVRSLEAHGIHDPENILHIRSFLDHDRLFIPPQKRNELKERAHLPYQSVC
VDDQGELIPPHVMVQSLVEHLERWSQVVNKHGLMILEVHCLEPRVVYQFLDKSENLHFDAHQGFSQQYLVEAEVFLMSAA
QVGLFPKLELSKRYPKTFPFTRITLNYFEKRPYKISHAYLSDLPALVDLEVKCWPENLRASTHEIRRRLELNPQGNLVLI
IEDQIIGAIYSQTITSTEALENVKYAQVPTLHTPQGSVIQLLALNILPEFQARGLGNELRDFMLYYCTLKGGIESVVGVT
RCRNYVNYSQMPMMEYLKLHNEQRQLLDPIVGFHVSGGAEIRGIIANYRPEDTDNLGMGILIEYNLRDSALHS
;
_entity_poly.pdbx_strand_id   A,B
#
# COMPACT_ATOMS: atom_id res chain seq x y z
N ASN A 2 -8.11 17.93 -9.03
CA ASN A 2 -7.89 16.84 -9.97
C ASN A 2 -9.09 16.73 -10.89
N ALA A 3 -10.26 17.14 -10.42
CA ALA A 3 -11.38 17.32 -11.34
C ALA A 3 -11.28 18.62 -12.14
N MET A 4 -10.21 19.39 -11.98
CA MET A 4 -9.91 20.56 -12.81
C MET A 4 -8.87 20.27 -13.87
N LEU A 5 -7.88 19.43 -13.57
CA LEU A 5 -7.01 18.89 -14.61
C LEU A 5 -7.81 18.22 -15.71
N GLN A 6 -8.98 17.69 -15.38
CA GLN A 6 -9.84 17.08 -16.38
C GLN A 6 -10.26 18.08 -17.44
N LYS A 7 -10.47 19.33 -17.05
CA LYS A 7 -10.90 20.32 -18.03
C LYS A 7 -9.74 20.67 -18.95
N ILE A 8 -8.56 20.95 -18.36
CA ILE A 8 -7.33 21.16 -19.11
C ILE A 8 -7.09 20.02 -20.10
N ASN A 9 -7.26 18.78 -19.63
CA ASN A 9 -7.00 17.61 -20.45
C ASN A 9 -7.92 17.58 -21.66
N ARG A 10 -9.16 18.02 -21.50
CA ARG A 10 -10.04 18.04 -22.67
C ARG A 10 -9.54 19.04 -23.70
N TYR A 11 -9.05 20.20 -23.24
CA TYR A 11 -8.52 21.21 -24.15
C TYR A 11 -7.31 20.70 -24.92
N THR A 12 -6.35 20.06 -24.22
CA THR A 12 -5.19 19.61 -24.95
C THR A 12 -5.53 18.46 -25.89
N HIS A 13 -6.51 17.62 -25.52
CA HIS A 13 -6.96 16.58 -26.46
C HIS A 13 -7.48 17.19 -27.75
N GLY A 14 -8.34 18.21 -27.63
CA GLY A 14 -8.96 18.78 -28.81
C GLY A 14 -7.95 19.47 -29.71
N PHE A 15 -6.97 20.16 -29.10
CA PHE A 15 -5.89 20.80 -29.84
C PHE A 15 -5.25 19.87 -30.86
N VAL A 16 -5.06 18.59 -30.49
CA VAL A 16 -4.51 17.62 -31.42
C VAL A 16 -5.61 16.90 -32.22
N ALA A 17 -6.69 16.51 -31.56
CA ALA A 17 -7.70 15.67 -32.21
C ALA A 17 -8.43 16.37 -33.34
N VAL A 18 -8.72 17.66 -33.19
CA VAL A 18 -9.59 18.36 -34.15
C VAL A 18 -8.95 18.41 -35.55
N PRO A 19 -7.71 18.87 -35.72
CA PRO A 19 -7.16 18.86 -37.08
C PRO A 19 -6.95 17.46 -37.65
N VAL A 20 -6.73 16.46 -36.79
CA VAL A 20 -6.63 15.09 -37.29
C VAL A 20 -7.98 14.64 -37.82
N ILE A 21 -9.03 14.91 -37.06
CA ILE A 21 -10.39 14.61 -37.50
C ILE A 21 -10.70 15.36 -38.79
N LEU A 22 -10.40 16.66 -38.89
CA LEU A 22 -10.80 17.37 -40.11
C LEU A 22 -10.02 16.89 -41.33
N ALA A 23 -8.72 16.60 -41.18
CA ALA A 23 -7.92 16.09 -42.29
C ALA A 23 -8.47 14.77 -42.82
N CYS A 24 -8.76 13.82 -41.92
CA CYS A 24 -9.33 12.55 -42.34
C CYS A 24 -10.70 12.73 -43.01
N ARG A 25 -11.53 13.62 -42.47
CA ARG A 25 -12.85 13.82 -43.07
C ARG A 25 -12.73 14.30 -44.51
N GLU A 26 -11.90 15.33 -44.75
CA GLU A 26 -11.82 15.92 -46.10
C GLU A 26 -11.14 14.99 -47.09
N LYS A 27 -10.21 14.14 -46.63
CA LYS A 27 -9.59 13.17 -47.51
C LYS A 27 -10.59 12.07 -47.92
N GLY A 28 -11.65 11.87 -47.16
CA GLY A 28 -12.59 10.81 -47.42
C GLY A 28 -12.53 9.59 -46.48
N VAL A 29 -11.89 9.69 -45.32
CA VAL A 29 -11.68 8.50 -44.50
C VAL A 29 -13.01 7.94 -44.02
N PHE A 30 -13.88 8.80 -43.53
CA PHE A 30 -15.15 8.36 -42.97
C PHE A 30 -16.12 7.90 -44.04
N GLU A 31 -16.06 8.49 -45.25
CA GLU A 31 -16.90 8.00 -46.35
C GLU A 31 -16.44 6.65 -46.81
N LEU A 32 -15.12 6.45 -46.87
CA LEU A 32 -14.57 5.17 -47.31
C LEU A 32 -15.07 4.05 -46.41
N LEU A 33 -15.05 4.27 -45.10
CA LEU A 33 -15.50 3.25 -44.16
C LEU A 33 -17.00 3.04 -44.17
N ALA A 34 -17.79 4.02 -44.64
CA ALA A 34 -19.20 3.75 -44.84
C ALA A 34 -19.45 2.90 -46.10
N ASP A 35 -18.63 3.06 -47.14
CA ASP A 35 -18.83 2.32 -48.38
C ASP A 35 -18.32 0.89 -48.29
N GLU A 36 -17.17 0.68 -47.67
CA GLU A 36 -16.57 -0.65 -47.55
C GLU A 36 -16.12 -0.84 -46.10
N SER A 37 -16.50 -1.96 -45.51
CA SER A 37 -16.24 -2.03 -44.08
C SER A 37 -15.69 -3.38 -43.68
N PRO A 38 -15.28 -3.55 -42.44
CA PRO A 38 -13.91 -3.97 -42.12
C PRO A 38 -12.88 -3.71 -43.21
N LEU A 39 -12.06 -2.67 -43.02
CA LEU A 39 -10.84 -2.43 -43.79
C LEU A 39 -9.60 -2.49 -42.91
N SER A 40 -8.55 -3.18 -43.37
CA SER A 40 -7.28 -3.09 -42.68
C SER A 40 -6.59 -1.74 -42.94
N LEU A 41 -5.55 -1.49 -42.14
CA LEU A 41 -4.68 -0.34 -42.38
C LEU A 41 -4.23 -0.25 -43.84
N ASN A 42 -3.64 -1.33 -44.37
CA ASN A 42 -3.07 -1.28 -45.72
C ASN A 42 -4.14 -1.11 -46.79
N GLN A 43 -5.33 -1.67 -46.60
CA GLN A 43 -6.43 -1.43 -47.53
C GLN A 43 -6.78 0.05 -47.59
N MET A 44 -6.80 0.72 -46.44
CA MET A 44 -7.08 2.14 -46.40
C MET A 44 -5.91 2.96 -46.94
N VAL A 45 -4.68 2.58 -46.60
CA VAL A 45 -3.50 3.26 -47.13
C VAL A 45 -3.52 3.24 -48.66
N GLU A 46 -3.80 2.07 -49.25
CA GLU A 46 -3.81 1.96 -50.70
C GLU A 46 -4.93 2.78 -51.32
N HIS A 47 -6.12 2.76 -50.72
CA HIS A 47 -7.22 3.51 -51.30
C HIS A 47 -7.00 5.00 -51.17
N LEU A 48 -6.42 5.45 -50.05
CA LEU A 48 -6.29 6.87 -49.78
C LEU A 48 -4.98 7.47 -50.23
N GLY A 49 -4.02 6.64 -50.64
CA GLY A 49 -2.66 7.11 -50.83
C GLY A 49 -2.03 7.72 -49.59
N ALA A 50 -2.08 7.03 -48.46
CA ALA A 50 -1.62 7.61 -47.21
C ALA A 50 -0.21 7.15 -46.84
N ASN A 51 0.40 7.89 -45.90
CA ASN A 51 1.65 7.49 -45.26
C ASN A 51 1.32 6.54 -44.12
N SER A 52 1.73 5.28 -44.25
CA SER A 52 1.10 4.22 -43.44
C SER A 52 1.41 4.41 -41.96
N GLY A 53 2.59 4.89 -41.62
CA GLY A 53 2.92 5.07 -40.22
C GLY A 53 2.12 6.20 -39.60
N HIS A 54 2.14 7.37 -40.24
CA HIS A 54 1.33 8.47 -39.76
C HIS A 54 -0.14 8.13 -39.75
N PHE A 55 -0.62 7.38 -40.75
CA PHE A 55 -2.05 7.05 -40.76
C PHE A 55 -2.40 6.09 -39.63
N GLN A 56 -1.49 5.16 -39.29
CA GLN A 56 -1.75 4.32 -38.13
C GLN A 56 -1.80 5.13 -36.83
N VAL A 57 -1.01 6.20 -36.70
CA VAL A 57 -1.10 7.06 -35.52
C VAL A 57 -2.49 7.67 -35.42
N ALA A 58 -3.03 8.09 -36.58
CA ALA A 58 -4.35 8.71 -36.59
C ALA A 58 -5.43 7.68 -36.29
N LEU A 59 -5.26 6.46 -36.77
CA LEU A 59 -6.25 5.42 -36.49
C LEU A 59 -6.27 5.08 -35.00
N ARG A 60 -5.11 5.04 -34.37
CA ARG A 60 -5.06 4.76 -32.95
C ARG A 60 -5.84 5.81 -32.18
N MET A 61 -5.69 7.07 -32.59
CA MET A 61 -6.37 8.17 -31.91
C MET A 61 -7.89 8.06 -32.06
N LEU A 62 -8.35 7.71 -33.26
CA LEU A 62 -9.80 7.55 -33.49
C LEU A 62 -10.36 6.35 -32.73
N GLU A 63 -9.59 5.26 -32.62
CA GLU A 63 -10.00 4.13 -31.79
C GLU A 63 -10.08 4.54 -30.32
N SER A 64 -9.15 5.38 -29.87
CA SER A 64 -9.16 5.84 -28.50
C SER A 64 -10.30 6.81 -28.22
N LEU A 65 -10.95 7.35 -29.24
CA LEU A 65 -12.15 8.13 -29.00
C LEU A 65 -13.40 7.27 -29.09
N HIS A 66 -13.23 5.98 -29.36
CA HIS A 66 -14.33 5.06 -29.68
C HIS A 66 -15.14 5.55 -30.90
N TRP A 67 -14.44 6.15 -31.87
CA TRP A 67 -15.00 6.41 -33.21
C TRP A 67 -14.80 5.28 -34.19
N LEU A 68 -13.77 4.45 -33.97
CA LEU A 68 -13.55 3.26 -34.77
C LEU A 68 -13.48 2.07 -33.83
N SER A 69 -13.87 0.90 -34.33
CA SER A 69 -13.54 -0.33 -33.64
C SER A 69 -12.67 -1.17 -34.57
N ARG A 70 -11.88 -2.06 -33.96
CA ARG A 70 -10.90 -2.86 -34.69
C ARG A 70 -11.07 -4.32 -34.29
N ASN A 71 -11.26 -5.19 -35.28
CA ASN A 71 -11.68 -6.57 -35.03
C ASN A 71 -10.44 -7.48 -34.91
N LYS A 72 -10.65 -8.79 -34.84
CA LYS A 72 -9.52 -9.68 -34.58
C LYS A 72 -8.67 -9.93 -35.81
N GLU A 73 -9.18 -9.63 -37.00
CA GLU A 73 -8.35 -9.63 -38.19
C GLU A 73 -7.60 -8.30 -38.36
N LEU A 74 -7.76 -7.39 -37.41
CA LEU A 74 -7.17 -6.06 -37.38
C LEU A 74 -7.84 -5.12 -38.38
N LYS A 75 -9.13 -5.31 -38.63
CA LYS A 75 -9.85 -4.50 -39.59
C LYS A 75 -10.75 -3.52 -38.87
N TYR A 76 -10.81 -2.29 -39.38
CA TYR A 76 -11.52 -1.19 -38.74
C TYR A 76 -12.93 -1.02 -39.31
N SER A 77 -13.83 -0.53 -38.48
CA SER A 77 -15.14 -0.10 -38.95
C SER A 77 -15.60 1.06 -38.09
N LEU A 78 -16.58 1.82 -38.61
CA LEU A 78 -17.11 2.95 -37.85
C LEU A 78 -17.94 2.48 -36.67
N THR A 79 -17.97 3.31 -35.62
CA THR A 79 -18.99 3.23 -34.57
C THR A 79 -19.97 4.38 -34.77
N ALA A 80 -20.98 4.43 -33.91
CA ALA A 80 -21.97 5.49 -34.02
C ALA A 80 -21.46 6.82 -33.47
N GLU A 81 -20.43 6.80 -32.63
CA GLU A 81 -19.94 8.09 -32.12
C GLU A 81 -19.27 8.90 -33.21
N ALA A 82 -18.74 8.25 -34.26
CA ALA A 82 -18.06 8.99 -35.29
C ALA A 82 -18.98 9.96 -36.03
N ALA A 83 -20.30 9.81 -35.90
CA ALA A 83 -21.21 10.57 -36.75
C ALA A 83 -21.12 12.07 -36.48
N ILE A 84 -20.79 12.47 -35.26
CA ILE A 84 -20.58 13.87 -34.94
C ILE A 84 -19.53 14.54 -35.81
N HIS A 85 -18.72 13.76 -36.55
CA HIS A 85 -17.64 14.35 -37.34
C HIS A 85 -18.13 15.33 -38.40
N ASN A 86 -19.39 15.20 -38.85
CA ASN A 86 -19.94 16.13 -39.84
C ASN A 86 -20.27 17.49 -39.24
N LYS A 87 -20.54 17.55 -37.95
CA LYS A 87 -20.98 18.79 -37.35
C LYS A 87 -19.84 19.76 -37.10
N ILE A 88 -18.59 19.32 -37.17
CA ILE A 88 -17.47 20.19 -36.83
C ILE A 88 -17.18 21.10 -38.00
N SER A 89 -17.07 22.40 -37.75
CA SER A 89 -16.82 23.35 -38.82
C SER A 89 -15.32 23.51 -39.05
N GLU A 90 -14.93 23.45 -40.32
CA GLU A 90 -13.53 23.47 -40.68
C GLU A 90 -12.90 24.83 -40.47
N ASP A 91 -13.68 25.89 -40.35
CA ASP A 91 -13.02 27.17 -40.21
C ASP A 91 -12.45 27.37 -38.81
N ILE A 92 -12.75 26.48 -37.86
CA ILE A 92 -12.12 26.47 -36.55
C ILE A 92 -10.60 26.41 -36.69
N LEU A 93 -10.11 25.89 -37.82
CA LEU A 93 -8.67 25.80 -38.04
C LEU A 93 -8.01 27.15 -38.15
N GLN A 94 -8.77 28.22 -38.33
CA GLN A 94 -8.22 29.57 -38.31
C GLN A 94 -7.68 29.97 -36.95
N LEU A 95 -8.11 29.30 -35.87
CA LEU A 95 -7.65 29.67 -34.53
C LEU A 95 -6.18 29.37 -34.31
N TYR A 96 -5.55 28.55 -35.16
CA TYR A 96 -4.15 28.23 -34.90
C TYR A 96 -3.21 29.38 -35.19
N ASN A 97 -3.64 30.36 -36.00
CA ASN A 97 -2.74 31.44 -36.39
C ASN A 97 -3.22 32.82 -35.97
N LEU A 98 -4.23 32.92 -35.12
CA LEU A 98 -4.68 34.24 -34.69
C LEU A 98 -3.53 34.98 -34.03
N PRO A 99 -3.43 36.30 -34.23
CA PRO A 99 -2.42 37.15 -33.56
C PRO A 99 -2.83 37.55 -32.15
N ILE A 100 -2.69 36.62 -31.20
CA ILE A 100 -3.28 36.81 -29.88
C ILE A 100 -2.54 37.89 -29.10
N GLN A 101 -1.21 37.91 -29.16
CA GLN A 101 -0.45 38.92 -28.42
C GLN A 101 -0.89 40.34 -28.80
N SER A 102 -0.97 40.64 -30.10
CA SER A 102 -1.41 41.96 -30.54
C SER A 102 -2.79 42.28 -30.00
N TYR A 103 -3.71 41.32 -30.10
CA TYR A 103 -5.06 41.50 -29.58
C TYR A 103 -5.06 41.87 -28.10
N LEU A 104 -4.22 41.21 -27.30
CA LEU A 104 -4.12 41.59 -25.89
C LEU A 104 -3.52 42.97 -25.72
N GLU A 105 -2.76 43.46 -26.71
CA GLU A 105 -2.24 44.81 -26.69
C GLU A 105 -3.25 45.85 -27.17
N GLY A 106 -4.46 45.46 -27.52
CA GLY A 106 -5.47 46.41 -27.97
C GLY A 106 -5.30 46.87 -29.40
N LYS A 107 -4.66 46.07 -30.24
CA LYS A 107 -4.30 46.46 -31.60
C LYS A 107 -4.98 45.60 -32.66
N GLN A 108 -6.00 44.82 -32.29
CA GLN A 108 -6.69 43.98 -33.25
C GLN A 108 -8.21 44.09 -33.17
N GLY A 109 -8.73 45.08 -32.46
CA GLY A 109 -10.17 45.24 -32.42
C GLY A 109 -10.84 44.09 -31.71
N ASN A 110 -12.02 43.71 -32.21
CA ASN A 110 -12.86 42.71 -31.57
C ASN A 110 -12.60 41.31 -32.16
N LEU A 111 -11.33 40.90 -32.07
CA LEU A 111 -10.87 39.71 -32.80
C LEU A 111 -11.61 38.44 -32.38
N LEU A 112 -11.87 38.25 -31.07
CA LEU A 112 -12.38 36.97 -30.59
C LEU A 112 -13.89 36.93 -30.41
N GLY A 113 -14.61 38.01 -30.74
CA GLY A 113 -16.03 38.07 -30.37
C GLY A 113 -16.86 36.95 -30.96
N ARG A 114 -16.68 36.69 -32.26
CA ARG A 114 -17.51 35.67 -32.90
C ARG A 114 -17.10 34.27 -32.48
N TRP A 115 -15.83 34.05 -32.16
CA TRP A 115 -15.42 32.72 -31.69
C TRP A 115 -16.00 32.45 -30.31
N ILE A 116 -15.95 33.44 -29.43
CA ILE A 116 -16.52 33.29 -28.10
C ILE A 116 -18.02 33.04 -28.17
N GLU A 117 -18.70 33.60 -29.18
CA GLU A 117 -20.12 33.37 -29.29
C GLU A 117 -20.41 31.94 -29.72
N ARG A 118 -19.67 31.42 -30.69
CA ARG A 118 -19.85 30.02 -31.09
C ARG A 118 -19.53 29.07 -29.95
N SER A 119 -18.55 29.40 -29.12
CA SER A 119 -18.30 28.59 -27.92
C SER A 119 -19.49 28.65 -26.97
N CYS A 120 -20.13 29.80 -26.82
CA CYS A 120 -21.31 29.86 -25.95
C CYS A 120 -22.43 28.98 -26.48
N GLN A 121 -22.45 28.71 -27.77
CA GLN A 121 -23.43 27.82 -28.40
C GLN A 121 -23.01 26.37 -28.41
N LEU A 122 -21.91 26.00 -27.73
CA LEU A 122 -21.36 24.65 -27.81
C LEU A 122 -20.98 24.27 -29.24
N TRP A 123 -20.53 25.25 -30.02
CA TRP A 123 -20.12 25.05 -31.40
C TRP A 123 -21.24 24.43 -32.24
N ASN A 124 -22.48 24.61 -31.76
CA ASN A 124 -23.70 24.04 -32.34
C ASN A 124 -23.63 22.53 -32.48
N LEU A 125 -22.97 21.89 -31.51
CA LEU A 125 -22.99 20.45 -31.33
C LEU A 125 -23.97 20.10 -30.24
N ASP A 126 -24.53 18.91 -30.30
CA ASP A 126 -25.28 18.41 -29.16
C ASP A 126 -24.40 17.61 -28.21
N ASN A 127 -23.09 17.85 -28.25
CA ASN A 127 -22.11 17.00 -27.57
C ASN A 127 -21.23 17.89 -26.70
N PRO A 128 -21.49 17.96 -25.40
CA PRO A 128 -20.63 18.79 -24.54
C PRO A 128 -19.18 18.36 -24.56
N LEU A 129 -18.89 17.06 -24.68
CA LEU A 129 -17.49 16.61 -24.67
C LEU A 129 -16.73 17.16 -25.88
N MET A 130 -17.30 17.02 -27.08
CA MET A 130 -16.66 17.58 -28.27
C MET A 130 -16.66 19.10 -28.27
N ALA A 131 -17.61 19.73 -27.58
CA ALA A 131 -17.59 21.18 -27.45
C ALA A 131 -16.38 21.64 -26.63
N ASP A 132 -16.03 20.89 -25.58
CA ASP A 132 -14.79 21.14 -24.86
C ASP A 132 -13.58 20.95 -25.77
N PHE A 133 -13.57 19.91 -26.59
CA PHE A 133 -12.43 19.70 -27.48
C PHE A 133 -12.19 20.92 -28.36
N LEU A 134 -13.27 21.45 -28.95
CA LEU A 134 -13.13 22.63 -29.80
C LEU A 134 -12.75 23.86 -28.99
N ASP A 135 -13.26 23.98 -27.75
CA ASP A 135 -12.84 25.08 -26.89
C ASP A 135 -11.31 25.15 -26.73
N GLY A 136 -10.61 24.00 -26.79
CA GLY A 136 -9.17 24.03 -26.61
C GLY A 136 -8.43 24.84 -27.65
N LEU A 137 -8.91 24.85 -28.89
CA LEU A 137 -8.27 25.67 -29.92
C LEU A 137 -8.45 27.16 -29.66
N LEU A 138 -9.52 27.54 -28.95
CA LEU A 138 -9.67 28.93 -28.56
C LEU A 138 -8.88 29.24 -27.29
N VAL A 139 -8.95 28.33 -26.33
CA VAL A 139 -8.40 28.60 -24.99
C VAL A 139 -6.87 28.54 -24.98
N ILE A 140 -6.24 27.59 -25.65
CA ILE A 140 -4.84 27.33 -25.36
C ILE A 140 -3.95 28.46 -25.84
N PRO A 141 -4.02 28.91 -27.10
CA PRO A 141 -3.22 30.10 -27.46
C PRO A 141 -3.48 31.30 -26.54
N LEU A 142 -4.71 31.50 -26.10
CA LEU A 142 -4.98 32.66 -25.27
C LEU A 142 -4.39 32.49 -23.87
N LEU A 143 -4.58 31.31 -23.26
CA LEU A 143 -3.95 31.01 -21.98
C LEU A 143 -2.44 31.26 -22.00
N LEU A 144 -1.77 30.84 -23.05
CA LEU A 144 -0.32 31.05 -23.10
C LEU A 144 0.01 32.52 -23.23
N ALA A 145 -0.75 33.26 -24.04
CA ALA A 145 -0.52 34.70 -24.15
C ALA A 145 -0.80 35.41 -22.83
N LEU A 146 -1.88 35.04 -22.15
CA LEU A 146 -2.20 35.66 -20.86
C LEU A 146 -1.11 35.39 -19.83
N HIS A 147 -0.54 34.19 -19.87
CA HIS A 147 0.52 33.85 -18.92
C HIS A 147 1.78 34.67 -19.15
N LYS A 148 2.03 35.09 -20.40
CA LYS A 148 3.15 35.99 -20.68
C LYS A 148 3.23 37.12 -19.67
N HIS A 149 2.11 37.80 -19.45
CA HIS A 149 2.10 39.00 -18.62
C HIS A 149 1.32 38.79 -17.32
N ASN A 150 1.06 37.54 -16.95
CA ASN A 150 0.33 37.20 -15.72
C ASN A 150 -0.97 38.00 -15.61
N LEU A 151 -1.67 38.13 -16.74
CA LEU A 151 -2.94 38.83 -16.75
C LEU A 151 -4.03 38.06 -16.04
N LEU A 152 -3.90 36.73 -15.95
CA LEU A 152 -4.96 35.89 -15.41
C LEU A 152 -4.70 35.63 -13.92
N ALA A 153 -4.66 36.71 -13.16
CA ALA A 153 -4.29 36.64 -11.76
C ALA A 153 -5.14 37.64 -10.96
N ASP A 154 -4.96 37.60 -9.64
CA ASP A 154 -5.92 38.12 -8.68
C ASP A 154 -6.07 39.64 -8.77
N SER A 155 -6.92 40.18 -7.90
CA SER A 155 -7.07 41.63 -7.73
C SER A 155 -5.92 42.16 -6.88
N GLU A 156 -4.71 41.90 -7.36
CA GLU A 156 -3.48 42.26 -6.68
C GLU A 156 -3.33 43.78 -6.65
N ASP A 157 -4.22 44.44 -5.91
CA ASP A 157 -4.39 45.89 -5.87
C ASP A 157 -4.83 46.45 -7.21
N LYS A 158 -4.79 45.64 -8.26
CA LYS A 158 -5.30 46.02 -9.58
C LYS A 158 -6.24 44.91 -10.06
N PRO A 159 -7.55 45.20 -10.20
CA PRO A 159 -8.53 44.12 -10.45
C PRO A 159 -8.32 43.36 -11.76
N LEU A 160 -9.16 42.35 -11.98
CA LEU A 160 -8.84 41.24 -12.88
C LEU A 160 -8.35 41.70 -14.26
N LEU A 161 -9.22 42.20 -15.12
CA LEU A 161 -8.81 42.57 -16.47
C LEU A 161 -8.45 44.05 -16.59
N SER A 162 -7.96 44.63 -15.50
CA SER A 162 -7.91 46.08 -15.38
C SER A 162 -7.00 46.75 -16.41
N SER A 163 -5.92 46.10 -16.82
CA SER A 163 -4.90 46.75 -17.63
C SER A 163 -5.19 46.73 -19.13
N LEU A 164 -6.31 46.15 -19.55
CA LEU A 164 -6.56 45.94 -20.97
C LEU A 164 -7.56 46.96 -21.51
N SER A 165 -7.62 47.05 -22.84
CA SER A 165 -8.54 47.96 -23.51
C SER A 165 -9.98 47.55 -23.25
N SER A 166 -10.90 48.49 -23.46
CA SER A 166 -12.31 48.24 -23.14
C SER A 166 -12.87 47.13 -24.01
N THR A 167 -12.49 47.10 -25.28
CA THR A 167 -12.92 46.01 -26.15
C THR A 167 -12.50 44.65 -25.59
N VAL A 168 -11.22 44.49 -25.26
CA VAL A 168 -10.77 43.15 -24.87
C VAL A 168 -11.26 42.81 -23.45
N GLN A 169 -11.37 43.78 -22.55
CA GLN A 169 -12.02 43.49 -21.26
C GLN A 169 -13.39 42.89 -21.48
N GLU A 170 -14.13 43.42 -22.45
CA GLU A 170 -15.49 42.98 -22.69
C GLU A 170 -15.54 41.58 -23.29
N GLU A 171 -14.69 41.32 -24.29
CA GLU A 171 -14.71 40.00 -24.93
C GLU A 171 -14.16 38.93 -23.99
N LEU A 172 -13.03 39.21 -23.32
CA LEU A 172 -12.51 38.24 -22.37
C LEU A 172 -13.41 38.07 -21.16
N GLY A 173 -14.08 39.14 -20.73
CA GLY A 173 -15.01 39.01 -19.61
C GLY A 173 -16.12 38.03 -19.91
N LYS A 174 -16.63 38.04 -21.15
CA LYS A 174 -17.68 37.10 -21.53
C LYS A 174 -17.14 35.67 -21.54
N LEU A 175 -16.01 35.44 -22.22
CA LEU A 175 -15.40 34.10 -22.22
C LEU A 175 -15.17 33.58 -20.81
N PHE A 176 -14.51 34.38 -19.96
CA PHE A 176 -14.14 33.92 -18.63
C PHE A 176 -15.37 33.53 -17.82
N LEU A 177 -16.44 34.32 -17.91
CA LEU A 177 -17.64 33.97 -17.16
C LEU A 177 -18.27 32.70 -17.70
N HIS A 178 -18.22 32.49 -19.02
CA HIS A 178 -18.73 31.27 -19.65
C HIS A 178 -17.90 30.05 -19.27
N LEU A 179 -16.57 30.20 -19.20
CA LEU A 179 -15.71 29.08 -18.80
C LEU A 179 -15.73 28.82 -17.31
N GLY A 180 -16.29 29.72 -16.51
CA GLY A 180 -16.18 29.60 -15.06
C GLY A 180 -14.87 30.08 -14.48
N TRP A 181 -14.08 30.84 -15.25
CA TRP A 181 -12.81 31.36 -14.77
C TRP A 181 -12.97 32.59 -13.89
N ALA A 182 -14.15 33.21 -13.92
CA ALA A 182 -14.40 34.43 -13.18
C ALA A 182 -15.87 34.42 -12.79
N ASP A 183 -16.21 35.18 -11.74
CA ASP A 183 -17.62 35.37 -11.37
C ASP A 183 -17.82 36.83 -10.95
N LEU A 184 -19.03 37.17 -10.54
CA LEU A 184 -19.37 38.56 -10.20
C LEU A 184 -19.48 38.78 -8.71
N THR A 185 -18.46 38.41 -7.96
CA THR A 185 -18.50 38.66 -6.53
C THR A 185 -18.33 40.16 -6.27
N ALA A 186 -19.18 40.69 -5.39
CA ALA A 186 -19.15 42.10 -4.97
C ALA A 186 -19.47 43.06 -6.11
N GLY A 187 -20.15 42.58 -7.17
CA GLY A 187 -20.40 43.42 -8.31
C GLY A 187 -19.22 43.67 -9.21
N ARG A 188 -18.10 42.97 -9.02
CA ARG A 188 -16.96 43.09 -9.91
C ARG A 188 -16.59 41.71 -10.48
N LEU A 189 -15.94 41.75 -11.64
CA LEU A 189 -15.36 40.54 -12.23
C LEU A 189 -14.18 40.05 -11.39
N THR A 190 -14.25 38.83 -10.91
CA THR A 190 -13.30 38.29 -9.94
C THR A 190 -12.90 36.89 -10.38
N ILE A 191 -11.62 36.54 -10.21
CA ILE A 191 -11.20 35.20 -10.58
C ILE A 191 -11.83 34.17 -9.65
N THR A 192 -12.08 32.98 -10.19
CA THR A 192 -12.50 31.84 -9.39
C THR A 192 -11.30 30.94 -9.10
N GLU A 193 -11.56 29.84 -8.39
CA GLU A 193 -10.53 28.82 -8.20
C GLU A 193 -10.10 28.22 -9.53
N LEU A 194 -11.06 27.89 -10.40
CA LEU A 194 -10.71 27.32 -11.69
C LEU A 194 -9.85 28.28 -12.49
N GLY A 195 -10.18 29.58 -12.43
CA GLY A 195 -9.40 30.55 -13.20
C GLY A 195 -7.99 30.72 -12.65
N ARG A 196 -7.84 30.65 -11.33
CA ARG A 196 -6.50 30.67 -10.77
C ARG A 196 -5.74 29.41 -11.16
N PHE A 197 -6.39 28.26 -11.06
CA PHE A 197 -5.78 27.00 -11.48
C PHE A 197 -5.34 27.06 -12.95
N MET A 198 -6.21 27.54 -13.84
CA MET A 198 -5.86 27.60 -15.26
C MET A 198 -4.64 28.48 -15.50
N GLY A 199 -4.58 29.64 -14.83
CA GLY A 199 -3.42 30.50 -15.00
C GLY A 199 -2.14 29.86 -14.51
N GLU A 200 -2.22 29.12 -13.40
CA GLU A 200 -1.03 28.51 -12.81
C GLU A 200 -0.52 27.35 -13.65
N ARG A 201 -1.42 26.60 -14.27
CA ARG A 201 -1.08 25.41 -15.04
C ARG A 201 -0.96 25.69 -16.52
N ALA A 202 -1.03 26.97 -16.93
CA ALA A 202 -1.00 27.33 -18.34
C ALA A 202 0.11 26.61 -19.10
N LEU A 203 1.27 26.43 -18.48
CA LEU A 203 2.39 25.86 -19.23
C LEU A 203 2.27 24.36 -19.44
N ASN A 204 1.29 23.68 -18.82
CA ASN A 204 0.96 22.31 -19.21
C ASN A 204 0.53 22.22 -20.68
N THR A 205 0.10 23.31 -21.30
CA THR A 205 -0.36 23.26 -22.68
C THR A 205 0.69 23.73 -23.66
N ALA A 206 1.86 24.13 -23.16
CA ALA A 206 2.92 24.63 -24.02
C ALA A 206 3.42 23.56 -24.97
N ILE A 207 3.38 22.29 -24.57
CA ILE A 207 3.92 21.26 -25.44
C ILE A 207 2.99 21.01 -26.64
N VAL A 208 1.68 20.82 -26.41
CA VAL A 208 0.81 20.67 -27.59
C VAL A 208 0.85 21.92 -28.43
N ALA A 209 0.99 23.10 -27.82
CA ALA A 209 1.03 24.31 -28.63
C ALA A 209 2.29 24.37 -29.48
N SER A 210 3.42 23.84 -28.97
CA SER A 210 4.64 23.90 -29.76
C SER A 210 4.53 23.10 -31.06
N TYR A 211 3.64 22.10 -31.10
CA TYR A 211 3.39 21.33 -32.32
C TYR A 211 2.40 22.00 -33.31
N THR A 212 2.00 23.26 -33.09
CA THR A 212 1.11 23.95 -34.02
C THR A 212 1.57 23.91 -35.47
N PRO A 213 2.83 24.18 -35.82
CA PRO A 213 3.20 24.06 -37.24
C PRO A 213 2.92 22.68 -37.83
N MET A 214 3.20 21.60 -37.09
CA MET A 214 2.92 20.24 -37.58
C MET A 214 1.42 20.00 -37.70
N LEU A 215 0.66 20.42 -36.70
CA LEU A 215 -0.78 20.21 -36.68
C LEU A 215 -1.48 20.97 -37.80
N SER A 216 -1.05 22.19 -38.09
CA SER A 216 -1.71 22.89 -39.17
C SER A 216 -1.33 22.36 -40.53
N ARG A 217 -0.42 21.39 -40.61
CA ARG A 217 -0.11 20.75 -41.88
C ARG A 217 -0.37 19.25 -41.83
N ILE A 218 -1.25 18.78 -40.94
CA ILE A 218 -1.36 17.34 -40.68
C ILE A 218 -1.95 16.61 -41.90
N HIS A 219 -2.72 17.31 -42.75
CA HIS A 219 -3.10 16.72 -44.02
C HIS A 219 -1.88 16.20 -44.78
N ASP A 220 -0.83 16.99 -44.84
CA ASP A 220 0.35 16.58 -45.58
C ASP A 220 1.10 15.47 -44.85
N VAL A 221 1.15 15.50 -43.51
CA VAL A 221 1.72 14.39 -42.74
C VAL A 221 1.01 13.09 -43.09
N LEU A 222 -0.32 13.10 -43.09
CA LEU A 222 -1.08 11.87 -43.30
C LEU A 222 -1.10 11.42 -44.75
N PHE A 223 -1.30 12.35 -45.67
CA PHE A 223 -1.69 11.98 -47.01
C PHE A 223 -0.80 12.55 -48.11
N GLY A 224 0.24 13.31 -47.77
CA GLY A 224 1.05 14.01 -48.74
C GLY A 224 2.52 13.68 -48.58
N ASN A 225 3.35 14.67 -48.93
CA ASN A 225 4.80 14.56 -48.78
C ASN A 225 5.14 15.00 -47.36
N CYS A 226 5.19 14.04 -46.43
CA CYS A 226 5.50 14.39 -45.04
C CYS A 226 6.86 15.07 -44.91
N LEU A 227 7.76 14.88 -45.89
CA LEU A 227 9.10 15.45 -45.79
C LEU A 227 9.12 16.98 -45.92
N SER A 228 8.13 17.60 -46.55
CA SER A 228 8.09 19.06 -46.51
C SER A 228 7.70 19.58 -45.13
N VAL A 229 7.06 18.76 -44.33
CA VAL A 229 7.10 18.93 -42.89
C VAL A 229 8.34 18.16 -42.41
N PHE A 230 8.84 18.51 -41.23
CA PHE A 230 9.93 17.78 -40.58
C PHE A 230 11.31 18.08 -41.15
N GLN A 231 11.39 18.54 -42.40
CA GLN A 231 12.65 19.02 -42.93
C GLN A 231 13.08 20.28 -42.19
N ARG A 232 14.39 20.45 -42.04
CA ARG A 232 14.86 21.54 -41.19
C ARG A 232 15.08 22.83 -41.97
N ASP A 233 15.21 23.91 -41.20
CA ASP A 233 15.52 25.28 -41.61
C ASP A 233 16.73 25.44 -42.51
N ALA A 234 16.82 26.62 -43.14
CA ALA A 234 18.08 27.03 -43.75
C ALA A 234 19.14 27.29 -42.69
N SER A 235 18.72 27.64 -41.48
CA SER A 235 19.62 27.74 -40.33
C SER A 235 19.71 26.46 -39.52
N GLY A 236 19.10 25.36 -40.00
CA GLY A 236 19.19 24.07 -39.35
C GLY A 236 18.22 23.81 -38.23
N HIS A 237 17.27 24.72 -38.00
CA HIS A 237 16.25 24.53 -36.99
C HIS A 237 15.08 23.71 -37.53
N GLU A 238 14.32 23.15 -36.59
CA GLU A 238 13.16 22.34 -36.93
C GLU A 238 12.00 23.23 -37.35
N ARG A 239 11.19 22.71 -38.27
CA ARG A 239 10.03 23.38 -38.79
C ARG A 239 8.71 22.78 -38.31
N HIS A 240 8.69 21.50 -37.96
CA HIS A 240 7.45 20.92 -37.48
C HIS A 240 7.07 21.41 -36.10
N ILE A 241 8.00 22.05 -35.37
CA ILE A 241 7.82 22.38 -33.98
C ILE A 241 8.42 23.75 -33.72
N ASP A 242 7.88 24.44 -32.72
CA ASP A 242 8.52 25.62 -32.10
C ASP A 242 9.37 25.10 -30.93
N ARG A 243 10.66 24.85 -31.15
CA ARG A 243 11.45 24.12 -30.16
C ARG A 243 11.61 24.89 -28.86
N THR A 244 11.62 26.24 -28.90
CA THR A 244 11.88 26.98 -27.66
C THR A 244 10.68 26.96 -26.73
N LEU A 245 9.47 26.99 -27.28
CA LEU A 245 8.27 26.80 -26.47
C LEU A 245 8.13 25.35 -26.02
N ASN A 246 8.52 24.40 -26.86
CA ASN A 246 8.49 23.02 -26.45
C ASN A 246 9.35 22.79 -25.21
N VAL A 247 10.58 23.35 -25.19
CA VAL A 247 11.48 23.09 -24.07
C VAL A 247 10.97 23.75 -22.80
N ILE A 248 10.49 25.00 -22.89
CA ILE A 248 9.81 25.65 -21.76
C ILE A 248 8.67 24.79 -21.24
N GLY A 249 7.97 24.10 -22.12
CA GLY A 249 6.90 23.22 -21.69
C GLY A 249 7.34 21.91 -21.05
N SER A 250 8.34 21.24 -21.67
CA SER A 250 8.95 20.07 -21.04
C SER A 250 9.42 20.38 -19.63
N GLY A 251 10.13 21.50 -19.49
CA GLY A 251 10.73 21.82 -18.21
C GLY A 251 9.70 22.01 -17.13
N PHE A 252 8.64 22.76 -17.44
CA PHE A 252 7.63 23.02 -16.44
C PHE A 252 6.95 21.72 -16.03
N GLN A 253 6.70 20.84 -16.98
CA GLN A 253 5.94 19.63 -16.69
C GLN A 253 6.79 18.53 -16.06
N HIS A 254 8.07 18.44 -16.39
CA HIS A 254 8.88 17.40 -15.77
C HIS A 254 9.27 17.70 -14.31
N GLN A 255 8.93 18.89 -13.77
CA GLN A 255 9.37 19.24 -12.42
C GLN A 255 8.76 18.35 -11.36
N LYS A 256 7.47 18.03 -11.49
CA LYS A 256 6.82 17.28 -10.42
C LYS A 256 7.34 15.85 -10.33
N TYR A 257 8.00 15.36 -11.37
CA TYR A 257 8.64 14.05 -11.28
C TYR A 257 10.07 14.16 -10.80
N PHE A 258 10.73 15.31 -11.00
CA PHE A 258 12.09 15.49 -10.50
C PHE A 258 12.14 15.33 -8.99
N ALA A 259 11.18 15.91 -8.28
CA ALA A 259 11.18 15.86 -6.81
C ALA A 259 11.11 14.42 -6.31
N ASP A 260 10.43 13.53 -7.04
CA ASP A 260 10.29 12.14 -6.63
C ASP A 260 11.57 11.34 -6.84
N LEU A 261 12.58 11.93 -7.47
CA LEU A 261 13.90 11.33 -7.49
C LEU A 261 14.63 11.47 -6.16
N GLU A 262 14.05 12.18 -5.17
CA GLU A 262 14.75 12.46 -3.92
C GLU A 262 15.13 11.18 -3.19
N GLU A 263 14.18 10.26 -3.06
CA GLU A 263 14.45 9.07 -2.24
C GLU A 263 15.59 8.25 -2.82
N SER A 264 15.60 8.09 -4.15
CA SER A 264 16.69 7.34 -4.80
C SER A 264 18.03 8.04 -4.64
N ILE A 265 18.07 9.36 -4.83
CA ILE A 265 19.32 10.11 -4.71
C ILE A 265 19.83 10.07 -3.27
N LEU A 266 18.93 10.23 -2.28
CA LEU A 266 19.35 10.13 -0.88
C LEU A 266 19.89 8.75 -0.57
N SER A 267 19.29 7.70 -1.15
CA SER A 267 19.75 6.36 -0.86
C SER A 267 21.17 6.15 -1.34
N VAL A 268 21.59 6.86 -2.40
CA VAL A 268 22.94 6.71 -2.93
C VAL A 268 23.96 7.49 -2.09
N PHE A 269 23.61 8.69 -1.66
CA PHE A 269 24.58 9.60 -1.07
C PHE A 269 24.53 9.63 0.44
N ASN A 270 23.61 8.89 1.05
CA ASN A 270 23.70 8.51 2.45
C ASN A 270 24.38 7.16 2.62
N GLN A 271 24.75 6.50 1.52
CA GLN A 271 25.32 5.16 1.57
C GLN A 271 26.66 5.15 2.30
N LEU A 272 26.76 4.27 3.31
CA LEU A 272 27.67 4.33 4.45
C LEU A 272 29.07 4.81 4.11
N PRO A 273 29.94 4.01 3.46
CA PRO A 273 31.30 4.49 3.26
C PRO A 273 31.32 5.61 2.23
N LEU A 274 31.56 6.83 2.69
CA LEU A 274 31.61 7.98 1.80
C LEU A 274 32.50 7.73 0.59
N GLU A 275 33.55 6.92 0.76
CA GLU A 275 34.52 6.65 -0.30
C GLU A 275 33.95 5.81 -1.44
N GLU A 276 32.89 5.07 -1.19
CA GLU A 276 32.31 4.20 -2.20
C GLU A 276 31.21 4.88 -3.00
N GLN A 277 30.90 6.14 -2.72
CA GLN A 277 29.88 6.88 -3.43
C GLN A 277 30.38 7.38 -4.78
N PRO A 278 29.47 7.70 -5.70
CA PRO A 278 29.92 8.19 -7.01
C PRO A 278 30.74 9.46 -6.88
N LYS A 279 31.63 9.67 -7.84
CA LYS A 279 32.34 10.92 -7.97
C LYS A 279 31.73 11.85 -9.01
N TYR A 280 30.84 11.33 -9.86
CA TYR A 280 30.19 12.13 -10.90
C TYR A 280 28.72 11.75 -11.04
N ILE A 281 27.92 12.74 -11.42
CA ILE A 281 26.53 12.53 -11.83
C ILE A 281 26.40 13.08 -13.23
N THR A 282 26.15 12.18 -14.19
CA THR A 282 25.98 12.49 -15.60
C THR A 282 24.51 12.38 -15.96
N ASP A 283 23.90 13.50 -16.32
CA ASP A 283 22.52 13.53 -16.82
C ASP A 283 22.56 13.62 -18.34
N MET A 284 22.16 12.55 -19.01
CA MET A 284 22.12 12.55 -20.47
C MET A 284 20.84 13.23 -20.93
N GLY A 285 20.95 14.26 -21.76
CA GLY A 285 19.81 15.11 -22.11
C GLY A 285 19.52 16.11 -21.01
N CYS A 286 20.52 16.93 -20.66
CA CYS A 286 20.40 17.77 -19.48
C CYS A 286 19.51 18.98 -19.72
N GLY A 287 19.22 19.31 -20.98
CA GLY A 287 18.27 20.37 -21.26
C GLY A 287 18.75 21.69 -20.67
N ASP A 288 17.96 22.26 -19.78
CA ASP A 288 18.34 23.52 -19.15
C ASP A 288 19.13 23.31 -17.85
N GLY A 289 19.37 22.07 -17.41
CA GLY A 289 20.18 21.84 -16.22
C GLY A 289 19.42 21.83 -14.92
N THR A 290 18.09 21.90 -14.96
CA THR A 290 17.29 21.97 -13.74
C THR A 290 17.37 20.70 -12.92
N LEU A 291 17.39 19.54 -13.58
CA LEU A 291 17.43 18.30 -12.84
C LEU A 291 18.75 18.16 -12.10
N LEU A 292 19.86 18.50 -12.76
CA LEU A 292 21.16 18.44 -12.12
C LEU A 292 21.23 19.40 -10.93
N LYS A 293 20.66 20.60 -11.07
CA LYS A 293 20.67 21.56 -9.98
C LYS A 293 19.85 21.07 -8.80
N ARG A 294 18.65 20.55 -9.08
CA ARG A 294 17.80 20.07 -8.01
C ARG A 294 18.41 18.85 -7.32
N VAL A 295 19.07 17.99 -8.09
CA VAL A 295 19.83 16.88 -7.51
C VAL A 295 20.93 17.43 -6.60
N TRP A 296 21.73 18.37 -7.11
CA TRP A 296 22.88 18.86 -6.33
C TRP A 296 22.43 19.40 -4.97
N GLU A 297 21.29 20.08 -4.92
CA GLU A 297 20.81 20.69 -3.68
C GLU A 297 20.29 19.65 -2.71
N THR A 298 19.65 18.59 -3.21
CA THR A 298 19.29 17.47 -2.35
C THR A 298 20.52 16.89 -1.66
N ILE A 299 21.61 16.75 -2.41
CA ILE A 299 22.83 16.16 -1.84
C ILE A 299 23.48 17.12 -0.84
N GLN A 300 23.67 18.37 -1.25
CA GLN A 300 24.39 19.34 -0.43
C GLN A 300 23.74 19.53 0.93
N PHE A 301 22.42 19.72 0.97
CA PHE A 301 21.74 20.15 2.18
C PHE A 301 21.04 19.02 2.92
N LYS A 302 20.87 17.83 2.32
CA LYS A 302 20.10 16.77 2.96
C LYS A 302 20.82 15.43 3.08
N SER A 303 22.00 15.27 2.50
CA SER A 303 22.67 13.98 2.51
C SER A 303 23.95 14.06 3.32
N ALA A 304 24.48 12.89 3.68
CA ALA A 304 25.75 12.81 4.38
C ALA A 304 26.88 13.36 3.53
N ARG A 305 26.92 12.96 2.27
CA ARG A 305 27.94 13.47 1.35
C ARG A 305 27.99 14.99 1.29
N GLY A 306 26.85 15.65 1.56
CA GLY A 306 26.81 17.10 1.54
C GLY A 306 27.64 17.76 2.63
N LYS A 307 28.05 16.99 3.63
CA LYS A 307 28.93 17.48 4.68
C LYS A 307 30.39 17.12 4.44
N ALA A 308 30.72 16.51 3.30
CA ALA A 308 32.06 16.03 3.03
C ALA A 308 32.53 16.37 1.62
N LEU A 309 32.05 17.49 1.07
CA LEU A 309 32.36 17.81 -0.31
C LEU A 309 33.85 18.11 -0.50
N GLU A 310 34.60 18.35 0.58
CA GLU A 310 36.01 18.66 0.43
C GLU A 310 36.86 17.41 0.40
N GLN A 311 36.65 16.48 1.33
CA GLN A 311 37.31 15.19 1.22
C GLN A 311 36.87 14.45 -0.04
N TYR A 312 35.63 14.70 -0.48
CA TYR A 312 34.97 13.86 -1.48
C TYR A 312 34.26 14.77 -2.49
N PRO A 313 35.03 15.34 -3.42
CA PRO A 313 34.44 16.26 -4.39
C PRO A 313 33.40 15.55 -5.27
N LEU A 314 32.35 16.29 -5.61
CA LEU A 314 31.34 15.83 -6.54
C LEU A 314 31.27 16.78 -7.72
N ARG A 315 31.07 16.25 -8.92
CA ARG A 315 31.01 17.04 -10.14
C ARG A 315 29.80 16.62 -10.95
N LEU A 316 29.05 17.60 -11.44
CA LEU A 316 27.88 17.34 -12.28
C LEU A 316 28.30 17.43 -13.74
N ILE A 317 27.78 16.52 -14.56
CA ILE A 317 28.11 16.48 -15.97
C ILE A 317 26.83 16.53 -16.78
N GLY A 318 26.72 17.51 -17.67
CA GLY A 318 25.53 17.64 -18.49
C GLY A 318 25.85 17.28 -19.92
N VAL A 319 25.16 16.29 -20.46
CA VAL A 319 25.31 15.89 -21.86
C VAL A 319 24.02 16.23 -22.59
N ASP A 320 24.15 16.80 -23.79
CA ASP A 320 22.99 17.10 -24.62
C ASP A 320 23.45 17.25 -26.05
N TYR A 321 22.54 17.00 -26.99
CA TYR A 321 22.82 17.12 -28.40
C TYR A 321 22.62 18.54 -28.92
N ASN A 322 21.84 19.36 -28.24
CA ASN A 322 21.48 20.67 -28.74
C ASN A 322 22.35 21.74 -28.11
N GLU A 323 22.99 22.55 -28.96
CA GLU A 323 23.86 23.63 -28.50
C GLU A 323 23.17 24.57 -27.52
N ALA A 324 21.88 24.89 -27.76
CA ALA A 324 21.17 25.79 -26.87
C ALA A 324 21.03 25.21 -25.46
N SER A 325 20.72 23.91 -25.37
CA SER A 325 20.65 23.28 -24.05
C SER A 325 21.99 23.33 -23.33
N LEU A 326 23.08 23.09 -24.07
CA LEU A 326 24.42 23.18 -23.49
C LEU A 326 24.70 24.57 -22.92
N LYS A 327 24.33 25.63 -23.66
CA LYS A 327 24.53 26.98 -23.16
C LYS A 327 23.62 27.28 -21.98
N ALA A 328 22.36 26.84 -22.05
CA ALA A 328 21.44 27.06 -20.93
C ALA A 328 21.89 26.32 -19.67
N THR A 329 22.35 25.07 -19.80
CA THR A 329 22.77 24.31 -18.63
C THR A 329 23.97 24.96 -17.93
N THR A 330 24.93 25.48 -18.71
CA THR A 330 26.10 26.13 -18.12
C THR A 330 25.70 27.32 -17.26
N ARG A 331 24.68 28.10 -17.70
CA ARG A 331 24.22 29.22 -16.89
C ARG A 331 23.55 28.73 -15.60
N THR A 332 22.67 27.74 -15.71
CA THR A 332 21.98 27.23 -14.54
C THR A 332 22.97 26.70 -13.51
N LEU A 333 24.05 26.06 -13.98
CA LEU A 333 25.02 25.42 -13.11
C LEU A 333 26.30 26.24 -12.97
N ALA A 334 26.24 27.55 -13.23
CA ALA A 334 27.44 28.39 -13.17
C ALA A 334 28.09 28.37 -11.78
N SER A 335 27.29 28.27 -10.71
CA SER A 335 27.84 28.27 -9.36
C SER A 335 28.38 26.92 -8.90
N LEU A 336 28.11 25.84 -9.62
CA LEU A 336 28.42 24.51 -9.14
C LEU A 336 29.59 23.91 -9.90
N PRO A 337 30.26 22.89 -9.34
CA PRO A 337 31.27 22.17 -10.12
C PRO A 337 30.61 21.31 -11.18
N HIS A 338 31.03 21.50 -12.43
CA HIS A 338 30.23 20.99 -13.53
C HIS A 338 31.05 20.89 -14.80
N LEU A 339 30.56 20.07 -15.71
CA LEU A 339 31.11 19.87 -17.04
C LEU A 339 29.94 19.71 -18.01
N VAL A 340 30.08 20.26 -19.22
CA VAL A 340 29.02 20.25 -20.21
C VAL A 340 29.59 19.79 -21.54
N LEU A 341 28.93 18.82 -22.18
CA LEU A 341 29.46 18.06 -23.30
C LEU A 341 28.42 17.82 -24.40
N GLN A 342 28.83 17.96 -25.66
CA GLN A 342 28.05 17.48 -26.80
C GLN A 342 27.97 15.94 -26.80
N GLY A 343 26.80 15.40 -27.07
CA GLY A 343 26.61 13.94 -26.99
C GLY A 343 25.17 13.55 -27.29
N ASP A 344 24.94 12.25 -27.37
CA ASP A 344 23.67 11.74 -27.88
C ASP A 344 23.18 10.54 -27.08
N ILE A 345 21.87 10.53 -26.78
CA ILE A 345 21.22 9.43 -26.05
C ILE A 345 21.58 8.06 -26.63
N GLY A 346 21.77 8.01 -27.96
CA GLY A 346 21.98 6.78 -28.70
C GLY A 346 23.39 6.23 -28.67
N ASN A 347 24.37 7.02 -28.23
CA ASN A 347 25.79 6.68 -28.33
C ASN A 347 26.46 6.88 -26.97
N PRO A 348 26.23 5.96 -26.03
CA PRO A 348 26.90 6.09 -24.72
C PRO A 348 28.40 5.80 -24.79
N GLU A 349 28.87 5.01 -25.75
CA GLU A 349 30.32 4.77 -25.88
C GLU A 349 31.04 6.06 -26.24
N GLN A 350 30.50 6.82 -27.20
CA GLN A 350 31.13 8.09 -27.58
C GLN A 350 31.11 9.09 -26.41
N MET A 351 30.06 9.09 -25.61
CA MET A 351 30.07 9.90 -24.41
C MET A 351 31.25 9.52 -23.51
N VAL A 352 31.52 8.22 -23.37
CA VAL A 352 32.66 7.81 -22.57
C VAL A 352 33.96 8.35 -23.16
N ARG A 353 34.08 8.28 -24.49
CA ARG A 353 35.27 8.80 -25.15
C ARG A 353 35.40 10.32 -25.02
N SER A 354 34.29 11.05 -24.92
CA SER A 354 34.39 12.50 -24.75
C SER A 354 34.81 12.85 -23.33
N LEU A 355 34.33 12.06 -22.36
CA LEU A 355 34.70 12.28 -20.97
C LEU A 355 36.21 12.18 -20.76
N GLU A 356 36.86 11.26 -21.48
CA GLU A 356 38.32 11.12 -21.37
C GLU A 356 39.03 12.37 -21.87
N ALA A 357 38.58 12.90 -23.02
CA ALA A 357 39.18 14.10 -23.57
C ALA A 357 39.11 15.26 -22.59
N HIS A 358 38.18 15.24 -21.64
CA HIS A 358 38.11 16.26 -20.61
C HIS A 358 38.67 15.81 -19.27
N GLY A 359 39.52 14.78 -19.26
CA GLY A 359 40.23 14.40 -18.06
C GLY A 359 39.58 13.36 -17.18
N ILE A 360 38.39 12.90 -17.50
CA ILE A 360 37.66 11.93 -16.68
C ILE A 360 38.00 10.53 -17.20
N HIS A 361 38.91 9.85 -16.49
CA HIS A 361 39.33 8.51 -16.89
C HIS A 361 38.79 7.40 -16.00
N ASP A 362 37.99 7.73 -14.98
CA ASP A 362 37.34 6.71 -14.16
C ASP A 362 35.82 6.71 -14.36
N PRO A 363 35.31 6.37 -15.55
CA PRO A 363 33.86 6.34 -15.74
C PRO A 363 33.17 5.28 -14.92
N GLU A 364 33.91 4.42 -14.22
CA GLU A 364 33.26 3.47 -13.34
C GLU A 364 32.78 4.13 -12.06
N ASN A 365 33.15 5.39 -11.81
CA ASN A 365 32.64 6.14 -10.68
C ASN A 365 31.48 7.09 -11.03
N ILE A 366 30.77 6.84 -12.14
CA ILE A 366 29.66 7.69 -12.57
C ILE A 366 28.31 7.10 -12.17
N LEU A 367 27.45 7.92 -11.58
CA LEU A 367 26.03 7.62 -11.51
C LEU A 367 25.31 8.27 -12.70
N HIS A 368 24.63 7.45 -13.50
CA HIS A 368 23.89 7.91 -14.67
C HIS A 368 22.43 8.13 -14.31
N ILE A 369 21.87 9.25 -14.81
CA ILE A 369 20.45 9.57 -14.68
C ILE A 369 19.96 10.16 -16.01
N ARG A 370 18.66 10.11 -16.24
CA ARG A 370 18.06 10.76 -17.42
C ARG A 370 16.55 10.78 -17.22
N SER A 371 15.87 11.75 -17.84
CA SER A 371 14.43 11.79 -17.76
C SER A 371 13.83 12.02 -19.14
N PHE A 372 12.95 11.12 -19.55
CA PHE A 372 12.10 11.30 -20.73
C PHE A 372 12.96 11.45 -21.99
N LEU A 373 13.82 10.48 -22.24
CA LEU A 373 14.70 10.66 -23.38
C LEU A 373 14.92 9.41 -24.21
N ASP A 374 14.75 8.20 -23.67
CA ASP A 374 14.98 7.00 -24.46
C ASP A 374 14.04 6.90 -25.65
N HIS A 375 12.82 7.44 -25.52
CA HIS A 375 11.86 7.46 -26.63
C HIS A 375 12.23 8.47 -27.72
N ASP A 376 13.17 9.35 -27.47
CA ASP A 376 13.45 10.44 -28.39
C ASP A 376 14.86 10.27 -28.96
N ARG A 377 15.15 9.08 -29.45
CA ARG A 377 16.48 8.71 -29.92
C ARG A 377 16.42 8.49 -31.43
N LEU A 378 17.60 8.40 -32.04
CA LEU A 378 17.68 8.12 -33.47
C LEU A 378 17.47 6.63 -33.69
N PHE A 379 16.48 6.26 -34.51
CA PHE A 379 16.21 4.85 -34.74
C PHE A 379 17.41 4.17 -35.41
N ILE A 380 17.97 3.17 -34.76
CA ILE A 380 18.99 2.31 -35.37
C ILE A 380 18.36 0.95 -35.61
N PRO A 381 18.29 0.48 -36.86
CA PRO A 381 17.61 -0.79 -37.11
C PRO A 381 18.28 -1.92 -36.36
N PRO A 382 17.50 -2.93 -35.95
CA PRO A 382 18.06 -4.02 -35.15
C PRO A 382 19.03 -4.87 -35.96
N GLN A 383 20.13 -5.25 -35.30
CA GLN A 383 21.22 -6.01 -35.91
C GLN A 383 21.29 -7.46 -35.45
N LYS A 384 20.59 -7.83 -34.38
CA LYS A 384 20.60 -9.21 -33.89
C LYS A 384 19.42 -9.92 -34.53
N ARG A 385 19.66 -10.49 -35.71
CA ARG A 385 18.59 -10.97 -36.58
C ARG A 385 17.82 -12.15 -35.95
N ASN A 386 18.52 -13.07 -35.31
CA ASN A 386 17.82 -14.19 -34.69
C ASN A 386 17.00 -13.75 -33.48
N GLU A 387 17.52 -12.81 -32.69
CA GLU A 387 16.74 -12.28 -31.58
C GLU A 387 15.49 -11.57 -32.07
N LEU A 388 15.59 -10.86 -33.19
CA LEU A 388 14.39 -10.22 -33.75
C LEU A 388 13.32 -11.25 -34.06
N LYS A 389 13.70 -12.43 -34.56
CA LYS A 389 12.68 -13.39 -35.00
C LYS A 389 12.01 -14.07 -33.82
N GLU A 390 12.75 -14.27 -32.72
CA GLU A 390 12.15 -14.89 -31.55
C GLU A 390 10.93 -14.11 -31.07
N ARG A 391 11.00 -12.80 -31.12
CA ARG A 391 9.95 -11.97 -30.53
C ARG A 391 8.90 -11.54 -31.54
N ALA A 392 8.93 -12.04 -32.78
CA ALA A 392 8.02 -11.55 -33.82
C ALA A 392 6.56 -11.92 -33.57
N HIS A 393 6.27 -12.85 -32.68
CA HIS A 393 4.89 -13.26 -32.44
C HIS A 393 4.28 -12.59 -31.23
N LEU A 394 4.98 -11.65 -30.56
CA LEU A 394 4.38 -11.08 -29.35
C LEU A 394 3.46 -9.91 -29.73
N PRO A 395 2.27 -9.77 -29.11
CA PRO A 395 1.32 -8.71 -29.53
C PRO A 395 1.63 -7.33 -28.94
N TYR A 396 2.75 -6.75 -29.34
CA TYR A 396 3.12 -5.43 -28.84
C TYR A 396 2.12 -4.38 -29.33
N GLN A 397 1.89 -3.36 -28.52
CA GLN A 397 0.82 -2.42 -28.83
C GLN A 397 1.32 -0.98 -28.92
N SER A 398 2.40 -0.76 -29.66
CA SER A 398 2.94 0.59 -29.88
C SER A 398 2.78 0.98 -31.35
N VAL A 399 3.03 2.26 -31.64
CA VAL A 399 2.97 2.76 -33.03
C VAL A 399 4.14 3.70 -33.24
N CYS A 400 4.97 3.39 -34.22
CA CYS A 400 6.19 4.14 -34.47
C CYS A 400 6.36 4.30 -35.97
N VAL A 401 6.82 5.48 -36.38
CA VAL A 401 6.90 5.91 -37.77
C VAL A 401 8.35 6.18 -38.13
N ASP A 402 8.80 5.68 -39.28
CA ASP A 402 10.17 6.00 -39.70
C ASP A 402 10.20 7.35 -40.41
N ASP A 403 11.37 7.76 -40.89
CA ASP A 403 11.45 9.09 -41.50
C ASP A 403 10.96 9.11 -42.95
N GLN A 404 10.51 7.98 -43.48
CA GLN A 404 9.79 7.98 -44.76
C GLN A 404 8.28 7.93 -44.57
N GLY A 405 7.78 8.06 -43.34
CA GLY A 405 6.36 8.05 -43.07
C GLY A 405 5.74 6.69 -42.99
N GLU A 406 6.54 5.62 -43.08
CA GLU A 406 6.06 4.25 -43.06
C GLU A 406 6.08 3.67 -41.64
N LEU A 407 5.15 2.76 -41.39
CA LEU A 407 5.03 2.14 -40.08
C LEU A 407 6.18 1.18 -39.82
N ILE A 408 6.87 1.37 -38.70
CA ILE A 408 7.86 0.42 -38.16
C ILE A 408 7.14 -0.67 -37.38
N PRO A 409 7.27 -1.94 -37.76
CA PRO A 409 6.57 -3.01 -37.05
C PRO A 409 6.94 -3.04 -35.58
N PRO A 410 5.96 -3.20 -34.68
CA PRO A 410 6.29 -3.06 -33.24
C PRO A 410 7.42 -3.94 -32.76
N HIS A 411 7.54 -5.18 -33.25
CA HIS A 411 8.60 -6.05 -32.74
C HIS A 411 9.98 -5.59 -33.18
N VAL A 412 10.06 -4.89 -34.32
CA VAL A 412 11.32 -4.31 -34.77
C VAL A 412 11.72 -3.19 -33.84
N MET A 413 10.74 -2.36 -33.47
CA MET A 413 11.00 -1.28 -32.54
C MET A 413 11.45 -1.80 -31.19
N VAL A 414 10.77 -2.83 -30.67
CA VAL A 414 11.15 -3.35 -29.37
C VAL A 414 12.54 -3.99 -29.41
N GLN A 415 12.89 -4.69 -30.50
CA GLN A 415 14.25 -5.25 -30.59
C GLN A 415 15.29 -4.15 -30.66
N SER A 416 14.91 -3.01 -31.23
CA SER A 416 15.83 -1.88 -31.33
C SER A 416 16.03 -1.21 -29.96
N LEU A 417 14.97 -1.14 -29.15
CA LEU A 417 15.09 -0.63 -27.79
C LEU A 417 15.99 -1.52 -26.91
N VAL A 418 15.87 -2.84 -27.08
CA VAL A 418 16.72 -3.78 -26.35
C VAL A 418 18.18 -3.57 -26.71
N GLU A 419 18.48 -3.37 -28.00
CA GLU A 419 19.86 -3.14 -28.41
C GLU A 419 20.37 -1.80 -27.92
N HIS A 420 19.47 -0.82 -27.83
CA HIS A 420 19.82 0.47 -27.25
C HIS A 420 20.08 0.36 -25.75
N LEU A 421 19.26 -0.39 -25.02
CA LEU A 421 19.57 -0.55 -23.61
C LEU A 421 20.78 -1.45 -23.40
N GLU A 422 21.09 -2.33 -24.37
CA GLU A 422 22.29 -3.16 -24.28
C GLU A 422 23.56 -2.31 -24.35
N ARG A 423 23.58 -1.30 -25.24
CA ARG A 423 24.72 -0.37 -25.27
C ARG A 423 24.87 0.36 -23.95
N TRP A 424 23.76 0.77 -23.34
CA TRP A 424 23.83 1.44 -22.04
C TRP A 424 24.33 0.50 -20.94
N SER A 425 23.89 -0.77 -20.93
CA SER A 425 24.29 -1.65 -19.85
C SER A 425 25.80 -1.87 -19.82
N GLN A 426 26.47 -1.70 -20.96
CA GLN A 426 27.89 -1.89 -21.00
C GLN A 426 28.71 -0.71 -20.50
N VAL A 427 28.11 0.47 -20.32
CA VAL A 427 28.82 1.54 -19.62
C VAL A 427 28.28 1.76 -18.22
N VAL A 428 27.16 1.15 -17.87
CA VAL A 428 26.66 1.29 -16.51
C VAL A 428 27.58 0.50 -15.57
N ASN A 429 27.76 1.01 -14.36
CA ASN A 429 28.60 0.37 -13.36
C ASN A 429 27.75 0.06 -12.12
N LYS A 430 28.45 -0.28 -11.04
CA LYS A 430 27.82 -0.60 -9.77
C LYS A 430 26.91 0.51 -9.24
N HIS A 431 27.06 1.74 -9.70
CA HIS A 431 26.18 2.77 -9.19
C HIS A 431 24.84 2.83 -9.94
N GLY A 432 24.71 2.21 -11.11
CA GLY A 432 23.40 2.00 -11.70
C GLY A 432 22.95 3.14 -12.60
N LEU A 433 21.63 3.17 -12.86
CA LEU A 433 21.08 4.04 -13.88
C LEU A 433 19.64 4.38 -13.52
N MET A 434 19.36 5.66 -13.28
CA MET A 434 18.03 6.13 -12.90
C MET A 434 17.34 6.68 -14.13
N ILE A 435 16.14 6.19 -14.43
CA ILE A 435 15.41 6.63 -15.62
C ILE A 435 13.99 7.01 -15.26
N LEU A 436 13.60 8.23 -15.64
CA LEU A 436 12.19 8.57 -15.79
C LEU A 436 11.82 8.38 -17.26
N GLU A 437 10.71 7.71 -17.53
CA GLU A 437 10.29 7.54 -18.93
C GLU A 437 8.77 7.57 -19.04
N VAL A 438 8.28 7.90 -20.24
CA VAL A 438 6.85 8.06 -20.53
C VAL A 438 6.49 6.99 -21.55
N HIS A 439 5.29 6.44 -21.42
CA HIS A 439 4.88 5.25 -22.14
C HIS A 439 3.52 5.47 -22.78
N CYS A 440 3.23 4.67 -23.82
CA CYS A 440 1.94 4.66 -24.49
C CYS A 440 0.99 3.62 -23.85
N LEU A 441 -0.28 3.73 -24.22
CA LEU A 441 -1.32 2.81 -23.76
C LEU A 441 -2.13 2.27 -24.92
N GLU A 442 -2.87 1.20 -24.64
CA GLU A 442 -3.73 0.61 -25.63
C GLU A 442 -5.00 1.44 -25.81
N PRO A 443 -5.53 1.57 -27.03
CA PRO A 443 -6.71 2.43 -27.24
C PRO A 443 -7.89 2.15 -26.33
N ARG A 444 -8.19 0.88 -26.08
CA ARG A 444 -9.30 0.55 -25.19
C ARG A 444 -9.09 1.16 -23.81
N VAL A 445 -7.84 1.20 -23.35
CA VAL A 445 -7.58 1.75 -22.03
C VAL A 445 -7.63 3.27 -22.07
N VAL A 446 -7.18 3.89 -23.17
CA VAL A 446 -7.22 5.35 -23.28
C VAL A 446 -8.67 5.85 -23.27
N TYR A 447 -9.57 5.14 -23.94
CA TYR A 447 -10.98 5.56 -23.94
C TYR A 447 -11.62 5.43 -22.55
N GLN A 448 -11.33 4.34 -21.84
CA GLN A 448 -11.93 4.15 -20.52
C GLN A 448 -11.55 5.27 -19.55
N PHE A 449 -10.36 5.85 -19.71
CA PHE A 449 -9.85 6.93 -18.88
C PHE A 449 -9.58 8.20 -19.68
N LEU A 450 -10.47 8.51 -20.64
CA LEU A 450 -10.15 9.48 -21.68
C LEU A 450 -9.70 10.82 -21.11
N ASP A 451 -10.39 11.35 -20.11
CA ASP A 451 -9.95 12.65 -19.63
C ASP A 451 -9.24 12.56 -18.29
N LYS A 452 -8.85 11.36 -17.88
CA LYS A 452 -7.99 11.20 -16.73
C LYS A 452 -6.52 11.14 -17.09
N SER A 453 -6.18 11.06 -18.38
CA SER A 453 -4.77 10.98 -18.75
C SER A 453 -4.54 11.76 -20.02
N GLU A 454 -3.26 12.03 -20.28
CA GLU A 454 -2.86 12.84 -21.42
C GLU A 454 -2.67 12.03 -22.69
N ASN A 455 -2.92 10.72 -22.68
CA ASN A 455 -2.43 9.87 -23.77
C ASN A 455 -3.07 10.18 -25.12
N LEU A 456 -4.33 10.62 -25.16
CA LEU A 456 -4.97 10.82 -26.46
C LEU A 456 -4.16 11.79 -27.32
N HIS A 457 -3.81 12.95 -26.79
CA HIS A 457 -3.01 13.86 -27.58
C HIS A 457 -1.51 13.59 -27.51
N PHE A 458 -0.99 13.22 -26.35
CA PHE A 458 0.46 13.04 -26.20
C PHE A 458 0.99 11.92 -27.09
N ASP A 459 0.36 10.75 -27.05
CA ASP A 459 0.84 9.63 -27.83
C ASP A 459 0.76 9.94 -29.34
N ALA A 460 -0.25 10.72 -29.74
CA ALA A 460 -0.40 11.12 -31.16
C ALA A 460 0.76 12.00 -31.62
N HIS A 461 1.10 13.07 -30.87
CA HIS A 461 2.12 13.95 -31.43
C HIS A 461 3.52 13.37 -31.26
N GLN A 462 3.71 12.42 -30.34
CA GLN A 462 4.97 11.66 -30.35
C GLN A 462 5.03 10.75 -31.56
N GLY A 463 3.92 10.08 -31.88
CA GLY A 463 3.89 9.25 -33.07
C GLY A 463 4.18 10.04 -34.33
N PHE A 464 3.45 11.15 -34.53
CA PHE A 464 3.62 11.97 -35.74
C PHE A 464 5.05 12.48 -35.89
N SER A 465 5.70 12.90 -34.79
CA SER A 465 7.04 13.49 -34.82
C SER A 465 8.15 12.43 -34.74
N GLN A 466 7.84 11.17 -35.02
CA GLN A 466 8.83 10.10 -35.16
C GLN A 466 9.60 9.88 -33.86
N GLN A 467 8.88 9.86 -32.75
CA GLN A 467 9.41 9.41 -31.47
C GLN A 467 8.71 8.10 -31.09
N TYR A 468 9.28 7.38 -30.13
CA TYR A 468 9.08 5.92 -30.02
C TYR A 468 8.64 5.51 -28.63
N LEU A 469 7.35 5.58 -28.36
CA LEU A 469 6.80 5.16 -27.08
C LEU A 469 6.43 3.69 -27.12
N VAL A 470 6.65 3.03 -25.98
CA VAL A 470 6.29 1.63 -25.75
C VAL A 470 5.57 1.56 -24.40
N GLU A 471 4.96 0.41 -24.13
CA GLU A 471 4.21 0.24 -22.89
C GLU A 471 5.14 0.16 -21.67
N ALA A 472 4.62 0.59 -20.51
CA ALA A 472 5.44 0.62 -19.29
C ALA A 472 6.16 -0.70 -19.06
N GLU A 473 5.45 -1.80 -19.25
CA GLU A 473 5.98 -3.11 -18.91
C GLU A 473 6.88 -3.67 -20.01
N VAL A 474 6.78 -3.12 -21.22
CA VAL A 474 7.68 -3.54 -22.28
C VAL A 474 9.02 -2.86 -22.15
N PHE A 475 9.02 -1.60 -21.69
CA PHE A 475 10.27 -0.96 -21.34
C PHE A 475 10.96 -1.72 -20.21
N LEU A 476 10.18 -2.17 -19.22
CA LEU A 476 10.75 -2.87 -18.07
C LEU A 476 11.35 -4.20 -18.49
N MET A 477 10.63 -4.92 -19.35
CA MET A 477 11.09 -6.18 -19.89
C MET A 477 12.32 -6.02 -20.78
N SER A 478 12.44 -4.90 -21.50
CA SER A 478 13.60 -4.67 -22.36
C SER A 478 14.86 -4.42 -21.55
N ALA A 479 14.75 -3.66 -20.45
CA ALA A 479 15.90 -3.51 -19.56
C ALA A 479 16.32 -4.85 -18.96
N ALA A 480 15.35 -5.70 -18.60
CA ALA A 480 15.68 -6.99 -17.95
C ALA A 480 16.30 -7.99 -18.92
N GLN A 481 15.99 -7.87 -20.22
CA GLN A 481 16.59 -8.78 -21.19
C GLN A 481 18.06 -8.50 -21.43
N VAL A 482 18.55 -7.32 -21.01
CA VAL A 482 19.97 -6.99 -21.08
C VAL A 482 20.58 -6.90 -19.69
N GLY A 483 19.88 -7.35 -18.66
CA GLY A 483 20.49 -7.52 -17.36
C GLY A 483 20.32 -6.37 -16.41
N LEU A 484 19.38 -5.46 -16.66
CA LEU A 484 19.15 -4.28 -15.82
C LEU A 484 17.80 -4.41 -15.13
N PHE A 485 17.79 -4.14 -13.83
CA PHE A 485 16.66 -4.52 -13.00
C PHE A 485 16.39 -3.39 -12.04
N PRO A 486 15.12 -3.13 -11.78
CA PRO A 486 14.78 -2.02 -10.90
C PRO A 486 15.02 -2.39 -9.45
N LYS A 487 15.45 -1.41 -8.66
CA LYS A 487 15.48 -1.57 -7.21
C LYS A 487 14.04 -1.34 -6.73
N LEU A 488 13.33 -2.44 -6.47
CA LEU A 488 11.87 -2.39 -6.44
C LEU A 488 11.37 -1.41 -5.39
N GLU A 489 12.07 -1.28 -4.27
CA GLU A 489 11.57 -0.44 -3.20
C GLU A 489 11.66 1.04 -3.52
N LEU A 490 12.41 1.42 -4.55
CA LEU A 490 12.53 2.82 -4.95
C LEU A 490 11.66 3.18 -6.16
N SER A 491 11.05 2.20 -6.81
CA SER A 491 10.34 2.47 -8.05
C SER A 491 9.04 3.19 -7.79
N LYS A 492 8.61 3.97 -8.78
CA LYS A 492 7.33 4.66 -8.74
C LYS A 492 6.67 4.57 -10.10
N ARG A 493 5.35 4.55 -10.09
CA ARG A 493 4.54 4.49 -11.29
C ARG A 493 3.43 5.53 -11.17
N TYR A 494 3.07 6.15 -12.30
CA TYR A 494 2.06 7.19 -12.33
C TYR A 494 1.07 6.87 -13.43
N PRO A 495 -0.21 7.18 -13.26
CA PRO A 495 -0.76 7.83 -12.07
C PRO A 495 -1.02 6.82 -10.97
N LYS A 496 -0.67 7.14 -9.72
CA LYS A 496 -0.66 6.13 -8.67
C LYS A 496 -2.03 5.50 -8.46
N THR A 497 -3.10 6.25 -8.69
CA THR A 497 -4.45 5.86 -8.26
C THR A 497 -5.30 5.17 -9.34
N PHE A 498 -4.80 4.95 -10.55
CA PHE A 498 -5.55 4.31 -11.62
C PHE A 498 -4.86 3.02 -12.08
N PRO A 499 -5.62 2.07 -12.67
CA PRO A 499 -5.04 0.80 -13.14
C PRO A 499 -4.39 0.84 -14.54
N PHE A 500 -3.61 1.88 -14.80
CA PHE A 500 -2.78 1.94 -15.99
C PHE A 500 -1.55 2.74 -15.62
N THR A 501 -0.47 2.56 -16.36
CA THR A 501 0.75 3.28 -16.08
C THR A 501 1.19 4.03 -17.32
N ARG A 502 1.44 5.33 -17.14
CA ARG A 502 1.82 6.23 -18.20
C ARG A 502 3.26 6.70 -18.07
N ILE A 503 3.75 6.78 -16.84
CA ILE A 503 5.09 7.27 -16.53
C ILE A 503 5.71 6.29 -15.54
N THR A 504 7.00 5.96 -15.71
CA THR A 504 7.70 5.13 -14.72
C THR A 504 8.98 5.82 -14.25
N LEU A 505 9.30 5.59 -12.98
CA LEU A 505 10.57 5.97 -12.38
C LEU A 505 11.21 4.69 -11.87
N ASN A 506 12.41 4.39 -12.36
CA ASN A 506 13.11 3.16 -12.03
C ASN A 506 14.56 3.53 -11.78
N TYR A 507 15.12 3.02 -10.69
CA TYR A 507 16.56 3.03 -10.45
C TYR A 507 17.04 1.63 -10.82
N PHE A 508 17.61 1.49 -12.01
CA PHE A 508 18.06 0.20 -12.51
C PHE A 508 19.45 -0.17 -11.98
N GLU A 509 19.64 -1.46 -11.82
CA GLU A 509 20.76 -2.13 -11.18
C GLU A 509 21.21 -3.23 -12.11
N LYS A 510 22.53 -3.36 -12.35
CA LYS A 510 23.01 -4.53 -13.07
C LYS A 510 22.97 -5.74 -12.15
N ARG A 511 22.61 -6.90 -12.68
CA ARG A 511 22.63 -8.15 -11.95
C ARG A 511 23.08 -9.24 -12.91
N PRO A 512 23.75 -10.31 -12.40
CA PRO A 512 24.36 -11.32 -13.27
C PRO A 512 23.39 -12.37 -13.81
N TYR A 513 22.24 -11.90 -14.29
CA TYR A 513 21.33 -12.78 -15.02
C TYR A 513 20.45 -11.94 -15.93
N LYS A 514 19.57 -12.59 -16.68
CA LYS A 514 18.57 -11.92 -17.50
C LYS A 514 17.22 -12.52 -17.20
N ILE A 515 16.16 -11.75 -17.47
CA ILE A 515 14.79 -12.23 -17.37
C ILE A 515 14.11 -11.96 -18.70
N SER A 516 13.42 -12.96 -19.24
CA SER A 516 12.89 -12.88 -20.59
C SER A 516 11.52 -13.55 -20.61
N HIS A 517 10.86 -13.46 -21.75
CA HIS A 517 9.66 -14.24 -21.96
C HIS A 517 10.01 -15.68 -22.34
N ALA A 518 9.15 -16.60 -21.92
CA ALA A 518 9.23 -17.99 -22.34
C ALA A 518 8.70 -18.16 -23.76
N TYR A 519 9.53 -18.69 -24.66
CA TYR A 519 9.14 -18.97 -26.04
C TYR A 519 8.99 -20.46 -26.27
N LEU A 520 8.51 -20.83 -27.47
CA LEU A 520 8.23 -22.23 -27.75
C LEU A 520 9.50 -23.04 -27.86
N SER A 521 10.58 -22.45 -28.35
CA SER A 521 11.85 -23.15 -28.43
C SER A 521 12.33 -23.59 -27.05
N ASP A 522 11.90 -22.89 -26.00
CA ASP A 522 12.27 -23.21 -24.63
C ASP A 522 11.51 -24.40 -24.06
N LEU A 523 10.57 -24.99 -24.80
CA LEU A 523 9.68 -25.98 -24.20
C LEU A 523 10.39 -27.19 -23.62
N PRO A 524 11.40 -27.78 -24.26
CA PRO A 524 12.16 -28.84 -23.59
C PRO A 524 12.62 -28.43 -22.20
N ALA A 525 13.32 -27.29 -22.09
CA ALA A 525 13.88 -26.88 -20.81
C ALA A 525 12.79 -26.56 -19.80
N LEU A 526 11.60 -26.20 -20.24
CA LEU A 526 10.56 -25.96 -19.26
C LEU A 526 9.96 -27.28 -18.76
N VAL A 527 9.93 -28.30 -19.62
CA VAL A 527 9.53 -29.63 -19.18
C VAL A 527 10.51 -30.18 -18.14
N ASP A 528 11.82 -30.07 -18.42
CA ASP A 528 12.82 -30.56 -17.47
C ASP A 528 12.73 -29.83 -16.14
N LEU A 529 12.56 -28.50 -16.18
CA LEU A 529 12.38 -27.73 -14.96
C LEU A 529 11.23 -28.27 -14.13
N GLU A 530 10.21 -28.87 -14.77
CA GLU A 530 9.11 -29.45 -13.98
C GLU A 530 9.56 -30.72 -13.29
N VAL A 531 10.30 -31.58 -14.00
CA VAL A 531 10.84 -32.80 -13.40
C VAL A 531 11.76 -32.47 -12.24
N LYS A 532 12.60 -31.46 -12.38
CA LYS A 532 13.55 -31.12 -11.33
C LYS A 532 12.94 -30.33 -10.18
N CYS A 533 11.69 -29.88 -10.31
CA CYS A 533 11.10 -29.04 -9.28
C CYS A 533 9.93 -29.67 -8.55
N TRP A 534 9.30 -30.70 -9.09
CA TRP A 534 8.12 -31.27 -8.48
C TRP A 534 8.17 -32.79 -8.51
N PRO A 535 7.50 -33.45 -7.57
CA PRO A 535 7.29 -34.89 -7.69
C PRO A 535 6.38 -35.19 -8.88
N GLU A 536 6.46 -36.44 -9.36
CA GLU A 536 5.79 -36.81 -10.60
C GLU A 536 4.28 -36.59 -10.57
N ASN A 537 3.66 -36.52 -9.40
CA ASN A 537 2.21 -36.38 -9.35
C ASN A 537 1.75 -34.94 -9.51
N LEU A 538 2.62 -33.96 -9.22
CA LEU A 538 2.25 -32.55 -9.17
C LEU A 538 2.84 -31.75 -10.33
N ARG A 539 3.24 -32.42 -11.41
CA ARG A 539 3.88 -31.76 -12.53
C ARG A 539 2.88 -31.35 -13.60
N ALA A 540 3.12 -30.19 -14.18
CA ALA A 540 2.32 -29.76 -15.31
C ALA A 540 2.66 -30.60 -16.54
N SER A 541 1.66 -30.78 -17.40
CA SER A 541 1.86 -31.56 -18.61
C SER A 541 2.38 -30.67 -19.73
N THR A 542 3.09 -31.30 -20.67
CA THR A 542 3.57 -30.57 -21.83
C THR A 542 2.41 -29.96 -22.62
N HIS A 543 1.24 -30.60 -22.60
CA HIS A 543 0.06 -29.94 -23.17
C HIS A 543 -0.24 -28.64 -22.44
N GLU A 544 -0.36 -28.71 -21.11
CA GLU A 544 -0.65 -27.54 -20.29
C GLU A 544 0.37 -26.42 -20.49
N ILE A 545 1.67 -26.76 -20.43
CA ILE A 545 2.71 -25.74 -20.57
C ILE A 545 2.62 -25.08 -21.93
N ARG A 546 2.52 -25.90 -22.98
CA ARG A 546 2.40 -25.40 -24.34
C ARG A 546 1.19 -24.47 -24.49
N ARG A 547 0.09 -24.79 -23.79
CA ARG A 547 -1.04 -23.85 -23.74
C ARG A 547 -0.57 -22.49 -23.26
N ARG A 548 0.03 -22.47 -22.07
CA ARG A 548 0.39 -21.22 -21.41
C ARG A 548 1.25 -20.35 -22.31
N LEU A 549 2.13 -20.97 -23.09
CA LEU A 549 2.98 -20.19 -23.98
C LEU A 549 2.21 -19.57 -25.14
N GLU A 550 1.04 -20.12 -25.47
CA GLU A 550 0.29 -19.65 -26.62
C GLU A 550 -0.95 -18.84 -26.25
N LEU A 551 -1.59 -19.15 -25.13
CA LEU A 551 -2.63 -18.27 -24.61
C LEU A 551 -2.05 -16.94 -24.14
N ASN A 552 -0.99 -16.99 -23.32
CA ASN A 552 -0.40 -15.81 -22.67
C ASN A 552 1.09 -15.78 -22.92
N PRO A 553 1.52 -15.51 -24.15
CA PRO A 553 2.96 -15.40 -24.39
C PRO A 553 3.64 -14.33 -23.54
N GLN A 554 2.91 -13.34 -23.06
CA GLN A 554 3.49 -12.28 -22.25
C GLN A 554 3.15 -12.45 -20.77
N GLY A 555 2.56 -13.57 -20.40
CA GLY A 555 2.32 -13.90 -19.00
C GLY A 555 3.28 -14.89 -18.37
N ASN A 556 4.36 -15.29 -19.06
CA ASN A 556 5.31 -16.28 -18.54
C ASN A 556 6.72 -15.75 -18.65
N LEU A 557 7.43 -15.68 -17.51
CA LEU A 557 8.77 -15.14 -17.43
C LEU A 557 9.76 -16.23 -17.08
N VAL A 558 10.98 -16.08 -17.59
CA VAL A 558 12.08 -17.03 -17.39
C VAL A 558 13.31 -16.26 -16.93
N LEU A 559 14.09 -16.85 -15.99
CA LEU A 559 15.37 -16.31 -15.53
C LEU A 559 16.51 -17.17 -16.09
N ILE A 560 17.41 -16.54 -16.83
CA ILE A 560 18.45 -17.22 -17.58
C ILE A 560 19.78 -16.85 -16.96
N ILE A 561 20.71 -17.81 -16.90
CA ILE A 561 22.05 -17.54 -16.38
C ILE A 561 23.11 -17.82 -17.44
N GLU A 562 23.37 -19.10 -17.71
CA GLU A 562 24.42 -19.47 -18.66
C GLU A 562 23.85 -19.87 -20.01
N ASP A 563 22.89 -19.09 -20.51
CA ASP A 563 21.91 -19.57 -21.47
C ASP A 563 21.14 -20.77 -20.92
N GLN A 564 21.07 -20.87 -19.59
CA GLN A 564 20.32 -21.91 -18.90
C GLN A 564 19.14 -21.29 -18.16
N ILE A 565 17.99 -21.95 -18.27
CA ILE A 565 16.78 -21.48 -17.60
C ILE A 565 16.77 -22.02 -16.18
N ILE A 566 16.98 -21.12 -15.23
CA ILE A 566 17.09 -21.42 -13.80
C ILE A 566 15.73 -21.47 -13.15
N GLY A 567 14.78 -20.65 -13.62
CA GLY A 567 13.47 -20.59 -13.03
C GLY A 567 12.50 -20.04 -14.06
N ALA A 568 11.21 -20.26 -13.81
CA ALA A 568 10.14 -19.78 -14.66
C ALA A 568 8.96 -19.43 -13.78
N ILE A 569 8.18 -18.43 -14.18
CA ILE A 569 6.97 -18.08 -13.45
C ILE A 569 5.83 -17.86 -14.43
N TYR A 570 4.67 -18.44 -14.12
CA TYR A 570 3.50 -18.49 -15.00
C TYR A 570 2.34 -17.85 -14.30
N SER A 571 1.70 -16.90 -14.98
CA SER A 571 0.48 -16.26 -14.50
C SER A 571 -0.64 -16.53 -15.50
N GLN A 572 -1.80 -16.92 -15.01
CA GLN A 572 -2.92 -17.22 -15.88
C GLN A 572 -4.19 -16.86 -15.14
N THR A 573 -5.14 -16.29 -15.87
CA THR A 573 -6.43 -15.96 -15.27
C THR A 573 -7.56 -16.28 -16.24
N ILE A 574 -8.52 -17.07 -15.79
CA ILE A 574 -9.64 -17.50 -16.60
C ILE A 574 -10.91 -16.87 -16.03
N THR A 575 -11.67 -16.18 -16.88
CA THR A 575 -12.96 -15.62 -16.52
C THR A 575 -14.08 -16.45 -17.15
N SER A 576 -15.09 -16.80 -16.36
CA SER A 576 -16.20 -17.59 -16.88
C SER A 576 -17.00 -16.81 -17.90
N THR A 577 -17.46 -17.51 -18.93
CA THR A 577 -18.24 -16.91 -20.01
C THR A 577 -19.74 -17.14 -19.82
N GLU A 578 -20.19 -17.48 -18.61
CA GLU A 578 -21.60 -17.75 -18.36
C GLU A 578 -22.35 -16.48 -17.97
N ALA A 579 -23.66 -16.48 -18.26
CA ALA A 579 -24.56 -15.41 -17.85
C ALA A 579 -25.99 -15.96 -17.79
N THR A 593 -16.60 -3.34 -14.71
CA THR A 593 -16.56 -2.59 -13.45
C THR A 593 -17.03 -3.43 -12.24
N PRO A 594 -18.07 -4.30 -12.41
CA PRO A 594 -18.31 -5.34 -11.40
C PRO A 594 -17.73 -6.66 -11.86
N GLN A 595 -17.82 -7.73 -11.06
CA GLN A 595 -16.90 -8.84 -11.25
C GLN A 595 -17.59 -10.19 -11.12
N GLY A 596 -17.12 -11.13 -11.95
CA GLY A 596 -17.76 -12.43 -12.08
C GLY A 596 -16.84 -13.57 -11.69
N SER A 597 -17.23 -14.80 -12.03
CA SER A 597 -16.43 -15.95 -11.62
C SER A 597 -15.10 -15.97 -12.35
N VAL A 598 -14.02 -16.25 -11.60
CA VAL A 598 -12.66 -16.20 -12.11
C VAL A 598 -11.84 -17.32 -11.47
N ILE A 599 -10.84 -17.80 -12.20
CA ILE A 599 -9.82 -18.70 -11.68
C ILE A 599 -8.46 -18.03 -11.90
N GLN A 600 -7.70 -17.84 -10.82
CA GLN A 600 -6.39 -17.23 -10.96
C GLN A 600 -5.29 -18.17 -10.52
N LEU A 601 -4.23 -18.22 -11.31
CA LEU A 601 -3.13 -19.17 -11.13
C LEU A 601 -1.81 -18.44 -11.24
N LEU A 602 -0.92 -18.66 -10.27
CA LEU A 602 0.45 -18.16 -10.33
C LEU A 602 1.38 -19.29 -9.90
N ALA A 603 2.24 -19.72 -10.80
CA ALA A 603 3.09 -20.91 -10.61
C ALA A 603 4.55 -20.51 -10.79
N LEU A 604 5.32 -20.61 -9.71
CA LEU A 604 6.74 -20.30 -9.69
C LEU A 604 7.54 -21.59 -9.61
N ASN A 605 8.48 -21.79 -10.54
CA ASN A 605 9.43 -22.89 -10.51
C ASN A 605 10.83 -22.31 -10.39
N ILE A 606 11.61 -22.81 -9.42
CA ILE A 606 13.01 -22.39 -9.25
C ILE A 606 13.83 -23.61 -8.88
N LEU A 607 14.95 -23.82 -9.57
CA LEU A 607 15.74 -25.02 -9.34
C LEU A 607 16.21 -25.06 -7.88
N PRO A 608 16.03 -26.19 -7.19
CA PRO A 608 16.60 -26.36 -5.84
C PRO A 608 18.00 -25.79 -5.72
N GLU A 609 18.80 -26.03 -6.77
CA GLU A 609 20.14 -25.47 -6.88
C GLU A 609 20.23 -23.99 -6.44
N PHE A 610 19.29 -23.15 -6.88
CA PHE A 610 19.46 -21.70 -6.76
C PHE A 610 18.57 -21.04 -5.73
N GLN A 611 17.80 -21.79 -4.94
CA GLN A 611 16.87 -21.17 -4.01
C GLN A 611 17.58 -20.32 -2.96
N ALA A 612 18.71 -20.83 -2.44
CA ALA A 612 19.32 -20.24 -1.26
C ALA A 612 19.81 -18.82 -1.55
N ARG A 613 20.21 -18.57 -2.79
CA ARG A 613 20.58 -17.24 -3.22
C ARG A 613 19.38 -16.31 -3.32
N GLY A 614 18.16 -16.82 -3.22
CA GLY A 614 16.99 -15.98 -3.33
C GLY A 614 16.56 -15.63 -4.74
N LEU A 615 16.99 -16.39 -5.75
CA LEU A 615 16.56 -16.02 -7.10
C LEU A 615 15.07 -16.25 -7.28
N GLY A 616 14.52 -17.25 -6.57
CA GLY A 616 13.09 -17.39 -6.53
C GLY A 616 12.40 -16.11 -6.10
N ASN A 617 12.95 -15.46 -5.07
CA ASN A 617 12.38 -14.23 -4.56
C ASN A 617 12.51 -13.11 -5.59
N GLU A 618 13.67 -13.00 -6.22
CA GLU A 618 13.88 -11.92 -7.16
C GLU A 618 12.97 -12.08 -8.37
N LEU A 619 12.79 -13.32 -8.85
CA LEU A 619 11.89 -13.54 -9.98
C LEU A 619 10.44 -13.27 -9.59
N ARG A 620 10.00 -13.79 -8.45
CA ARG A 620 8.63 -13.54 -8.03
C ARG A 620 8.36 -12.05 -7.89
N ASP A 621 9.31 -11.32 -7.28
CA ASP A 621 9.09 -9.91 -7.01
C ASP A 621 9.08 -9.10 -8.31
N PHE A 622 9.99 -9.40 -9.23
CA PHE A 622 9.95 -8.78 -10.55
C PHE A 622 8.62 -9.03 -11.24
N MET A 623 8.14 -10.28 -11.21
CA MET A 623 6.89 -10.64 -11.87
C MET A 623 5.70 -9.87 -11.33
N LEU A 624 5.68 -9.60 -10.02
CA LEU A 624 4.54 -8.87 -9.45
C LEU A 624 4.57 -7.41 -9.86
N TYR A 625 5.76 -6.83 -9.99
CA TYR A 625 5.85 -5.44 -10.40
C TYR A 625 5.56 -5.30 -11.91
N TYR A 626 6.10 -6.21 -12.72
CA TYR A 626 5.72 -6.30 -14.13
C TYR A 626 4.20 -6.39 -14.29
N CYS A 627 3.54 -7.20 -13.46
CA CYS A 627 2.09 -7.35 -13.58
C CYS A 627 1.36 -6.09 -13.15
N THR A 628 1.93 -5.32 -12.22
CA THR A 628 1.34 -4.06 -11.81
C THR A 628 1.47 -3.02 -12.92
N LEU A 629 2.59 -3.01 -13.63
CA LEU A 629 2.74 -2.05 -14.72
C LEU A 629 1.76 -2.34 -15.85
N LYS A 630 1.34 -3.59 -16.00
CA LYS A 630 0.47 -4.02 -17.09
C LYS A 630 -1.00 -3.71 -16.81
N ASN B 2 11.05 2.22 18.56
CA ASN B 2 11.44 0.87 18.18
C ASN B 2 12.92 0.61 18.48
N ALA B 3 13.30 -0.67 18.54
CA ALA B 3 14.59 -1.11 19.07
C ALA B 3 14.75 -0.72 20.54
N MET B 4 14.08 0.37 20.94
CA MET B 4 13.86 0.72 22.34
C MET B 4 12.65 0.00 22.90
N LEU B 5 11.58 -0.10 22.09
CA LEU B 5 10.48 -0.97 22.49
C LEU B 5 10.92 -2.43 22.61
N GLN B 6 11.99 -2.83 21.93
CA GLN B 6 12.49 -4.20 22.07
C GLN B 6 12.96 -4.48 23.49
N LYS B 7 13.63 -3.53 24.12
CA LYS B 7 14.12 -3.76 25.48
C LYS B 7 12.95 -3.84 26.47
N ILE B 8 11.95 -2.98 26.31
CA ILE B 8 10.81 -3.00 27.20
C ILE B 8 10.05 -4.31 27.09
N ASN B 9 9.92 -4.83 25.86
CA ASN B 9 9.23 -6.09 25.66
C ASN B 9 9.95 -7.23 26.34
N ARG B 10 11.28 -7.22 26.24
CA ARG B 10 12.04 -8.23 26.95
C ARG B 10 11.79 -8.16 28.44
N TYR B 11 11.78 -6.95 29.03
CA TYR B 11 11.53 -6.84 30.47
C TYR B 11 10.14 -7.33 30.83
N THR B 12 9.19 -7.05 29.96
CA THR B 12 7.79 -7.40 30.24
C THR B 12 7.56 -8.90 30.03
N HIS B 13 8.20 -9.50 29.03
CA HIS B 13 8.18 -10.96 28.89
C HIS B 13 8.70 -11.67 30.15
N GLY B 14 9.83 -11.23 30.66
CA GLY B 14 10.42 -11.95 31.78
C GLY B 14 9.59 -11.83 33.04
N PHE B 15 8.92 -10.69 33.22
CA PHE B 15 8.08 -10.48 34.40
C PHE B 15 7.02 -11.56 34.53
N VAL B 16 6.52 -12.06 33.42
CA VAL B 16 5.57 -13.16 33.42
C VAL B 16 6.26 -14.50 33.22
N ALA B 17 7.30 -14.57 32.40
CA ALA B 17 7.87 -15.89 32.08
C ALA B 17 8.59 -16.51 33.28
N VAL B 18 9.27 -15.71 34.08
CA VAL B 18 10.16 -16.27 35.09
C VAL B 18 9.36 -17.03 36.16
N PRO B 19 8.31 -16.46 36.76
CA PRO B 19 7.54 -17.26 37.73
C PRO B 19 6.92 -18.51 37.14
N VAL B 20 6.45 -18.46 35.87
CA VAL B 20 5.92 -19.66 35.24
C VAL B 20 7.00 -20.73 35.11
N ILE B 21 8.20 -20.31 34.71
CA ILE B 21 9.29 -21.26 34.48
C ILE B 21 9.72 -21.91 35.79
N LEU B 22 9.80 -21.13 36.88
CA LEU B 22 10.25 -21.66 38.16
C LEU B 22 9.21 -22.58 38.78
N ALA B 23 7.93 -22.26 38.63
CA ALA B 23 6.89 -23.15 39.14
C ALA B 23 6.89 -24.49 38.41
N CYS B 24 7.16 -24.49 37.09
CA CYS B 24 7.23 -25.76 36.35
C CYS B 24 8.48 -26.55 36.69
N ARG B 25 9.62 -25.86 36.89
CA ARG B 25 10.85 -26.55 37.30
C ARG B 25 10.66 -27.23 38.63
N GLU B 26 10.26 -26.47 39.66
CA GLU B 26 10.08 -27.04 40.99
C GLU B 26 9.03 -28.14 41.01
N LYS B 27 8.03 -28.10 40.12
CA LYS B 27 7.06 -29.18 40.10
C LYS B 27 7.59 -30.44 39.42
N GLY B 28 8.67 -30.34 38.63
CA GLY B 28 9.19 -31.48 37.92
C GLY B 28 8.81 -31.57 36.45
N VAL B 29 8.26 -30.51 35.86
CA VAL B 29 7.84 -30.58 34.47
C VAL B 29 9.02 -30.86 33.56
N PHE B 30 10.18 -30.28 33.86
CA PHE B 30 11.34 -30.46 32.99
C PHE B 30 11.96 -31.84 33.18
N GLU B 31 12.02 -32.34 34.42
CA GLU B 31 12.42 -33.72 34.64
C GLU B 31 11.50 -34.67 33.90
N LEU B 32 10.19 -34.47 34.05
CA LEU B 32 9.22 -35.35 33.43
C LEU B 32 9.48 -35.49 31.93
N LEU B 33 9.66 -34.36 31.24
CA LEU B 33 9.85 -34.40 29.80
C LEU B 33 11.22 -34.94 29.40
N ALA B 34 12.19 -34.94 30.33
CA ALA B 34 13.48 -35.55 30.06
C ALA B 34 13.36 -37.07 29.95
N ASP B 35 12.45 -37.67 30.71
CA ASP B 35 12.36 -39.12 30.80
C ASP B 35 11.32 -39.72 29.86
N GLU B 36 10.10 -39.20 29.84
CA GLU B 36 9.06 -39.66 28.92
C GLU B 36 9.03 -38.70 27.73
N SER B 37 9.96 -38.91 26.80
CA SER B 37 10.39 -37.86 25.88
C SER B 37 9.22 -37.15 25.20
N PRO B 38 8.31 -37.83 24.43
CA PRO B 38 7.15 -37.09 23.86
C PRO B 38 5.84 -37.31 24.62
N LEU B 39 5.21 -36.24 25.12
CA LEU B 39 4.01 -36.35 25.93
C LEU B 39 2.93 -35.37 25.48
N SER B 40 1.68 -35.83 25.52
CA SER B 40 0.55 -34.94 25.27
C SER B 40 0.19 -34.15 26.52
N LEU B 41 -0.58 -33.08 26.32
CA LEU B 41 -1.11 -32.31 27.44
C LEU B 41 -1.75 -33.23 28.47
N ASN B 42 -2.68 -34.07 28.01
CA ASN B 42 -3.40 -34.95 28.92
C ASN B 42 -2.47 -35.90 29.68
N GLN B 43 -1.39 -36.36 29.05
CA GLN B 43 -0.44 -37.22 29.76
C GLN B 43 0.25 -36.49 30.90
N MET B 44 0.66 -35.23 30.66
CA MET B 44 1.34 -34.47 31.71
C MET B 44 0.37 -34.06 32.81
N VAL B 45 -0.86 -33.71 32.44
CA VAL B 45 -1.88 -33.34 33.42
C VAL B 45 -2.08 -34.46 34.43
N GLU B 46 -2.32 -35.69 33.94
CA GLU B 46 -2.47 -36.83 34.82
C GLU B 46 -1.25 -36.99 35.73
N HIS B 47 -0.06 -36.96 35.16
CA HIS B 47 1.15 -37.25 35.93
C HIS B 47 1.42 -36.18 36.99
N LEU B 48 1.12 -34.91 36.71
CA LEU B 48 1.42 -33.83 37.63
C LEU B 48 0.25 -33.40 38.49
N GLY B 49 -0.96 -33.88 38.21
CA GLY B 49 -2.12 -33.34 38.88
C GLY B 49 -2.29 -31.86 38.59
N ALA B 50 -2.16 -31.48 37.33
CA ALA B 50 -2.19 -30.08 36.94
C ALA B 50 -3.62 -29.63 36.62
N ASN B 51 -3.82 -28.32 36.59
CA ASN B 51 -5.08 -27.74 36.10
C ASN B 51 -4.93 -27.54 34.58
N SER B 52 -5.70 -28.30 33.81
CA SER B 52 -5.37 -28.50 32.40
C SER B 52 -5.40 -27.21 31.57
N GLY B 53 -6.31 -26.29 31.88
CA GLY B 53 -6.36 -25.05 31.13
C GLY B 53 -5.16 -24.14 31.40
N HIS B 54 -4.87 -23.91 32.68
CA HIS B 54 -3.70 -23.12 33.04
C HIS B 54 -2.42 -23.77 32.58
N PHE B 55 -2.37 -25.10 32.62
CA PHE B 55 -1.15 -25.75 32.19
C PHE B 55 -0.98 -25.64 30.69
N GLN B 56 -2.09 -25.60 29.94
CA GLN B 56 -1.95 -25.35 28.52
C GLN B 56 -1.47 -23.92 28.24
N VAL B 57 -1.89 -22.94 29.05
CA VAL B 57 -1.36 -21.60 28.87
C VAL B 57 0.15 -21.59 29.07
N ALA B 58 0.61 -22.26 30.13
CA ALA B 58 2.04 -22.35 30.36
C ALA B 58 2.74 -23.09 29.22
N LEU B 59 2.12 -24.16 28.72
CA LEU B 59 2.74 -24.91 27.64
C LEU B 59 2.92 -24.05 26.41
N ARG B 60 1.93 -23.21 26.10
CA ARG B 60 2.04 -22.34 24.94
C ARG B 60 3.12 -21.30 25.13
N MET B 61 3.24 -20.75 26.34
CA MET B 61 4.31 -19.79 26.59
C MET B 61 5.68 -20.42 26.36
N LEU B 62 5.84 -21.68 26.76
CA LEU B 62 7.14 -22.34 26.61
C LEU B 62 7.41 -22.72 25.16
N GLU B 63 6.37 -23.04 24.39
CA GLU B 63 6.56 -23.27 22.96
C GLU B 63 6.92 -21.97 22.25
N SER B 64 6.31 -20.85 22.68
CA SER B 64 6.60 -19.55 22.11
C SER B 64 8.01 -19.08 22.44
N LEU B 65 8.65 -19.68 23.43
CA LEU B 65 10.04 -19.42 23.77
C LEU B 65 11.00 -20.35 23.04
N HIS B 66 10.45 -21.34 22.31
CA HIS B 66 11.20 -22.40 21.66
C HIS B 66 11.92 -23.27 22.68
N TRP B 67 11.31 -23.43 23.87
CA TRP B 67 11.77 -24.39 24.86
C TRP B 67 11.08 -25.74 24.71
N LEU B 68 9.96 -25.79 24.00
CA LEU B 68 9.28 -27.03 23.67
C LEU B 68 8.99 -27.05 22.18
N SER B 69 8.97 -28.24 21.61
CA SER B 69 8.45 -28.48 20.28
C SER B 69 7.24 -29.37 20.43
N ARG B 70 6.29 -29.22 19.51
CA ARG B 70 5.08 -30.03 19.52
C ARG B 70 5.01 -30.78 18.19
N ASN B 71 5.08 -32.11 18.25
CA ASN B 71 5.10 -32.87 17.01
C ASN B 71 3.71 -32.87 16.37
N LYS B 72 3.59 -33.59 15.26
CA LYS B 72 2.34 -33.57 14.49
C LYS B 72 1.20 -34.24 15.23
N GLU B 73 1.52 -35.09 16.21
CA GLU B 73 0.55 -35.78 17.04
C GLU B 73 0.21 -34.98 18.31
N LEU B 74 0.62 -33.72 18.36
CA LEU B 74 0.31 -32.80 19.46
C LEU B 74 1.00 -33.20 20.76
N LYS B 75 2.15 -33.85 20.68
CA LYS B 75 2.92 -34.21 21.86
C LYS B 75 4.18 -33.36 21.95
N TYR B 76 4.57 -33.05 23.17
CA TYR B 76 5.63 -32.08 23.45
C TYR B 76 6.96 -32.77 23.75
N SER B 77 8.05 -32.13 23.32
CA SER B 77 9.39 -32.51 23.73
C SER B 77 10.19 -31.26 24.08
N LEU B 78 11.19 -31.43 24.92
CA LEU B 78 12.16 -30.37 25.19
C LEU B 78 13.00 -30.09 23.96
N THR B 79 13.46 -28.85 23.82
CA THR B 79 14.48 -28.49 22.84
C THR B 79 15.76 -28.15 23.61
N ALA B 80 16.82 -27.91 22.84
CA ALA B 80 18.11 -27.59 23.47
C ALA B 80 18.04 -26.31 24.29
N GLU B 81 17.24 -25.32 23.83
CA GLU B 81 17.18 -24.03 24.51
C GLU B 81 16.66 -24.16 25.94
N ALA B 82 15.90 -25.21 26.23
CA ALA B 82 15.30 -25.32 27.55
C ALA B 82 16.34 -25.59 28.64
N ALA B 83 17.56 -25.99 28.28
CA ALA B 83 18.51 -26.45 29.30
C ALA B 83 18.90 -25.34 30.26
N ILE B 84 18.82 -24.08 29.82
CA ILE B 84 19.17 -22.97 30.69
C ILE B 84 18.29 -22.88 31.93
N HIS B 85 17.16 -23.59 31.96
CA HIS B 85 16.21 -23.46 33.04
C HIS B 85 16.84 -23.72 34.41
N ASN B 86 17.82 -24.62 34.47
CA ASN B 86 18.40 -24.99 35.76
C ASN B 86 19.27 -23.90 36.35
N LYS B 87 19.65 -22.90 35.56
CA LYS B 87 20.58 -21.87 36.00
C LYS B 87 19.90 -20.63 36.56
N ILE B 88 18.58 -20.53 36.48
CA ILE B 88 17.84 -19.41 37.06
C ILE B 88 17.70 -19.64 38.56
N SER B 89 18.21 -18.70 39.36
CA SER B 89 18.09 -18.86 40.80
C SER B 89 16.70 -18.44 41.26
N GLU B 90 16.13 -19.25 42.15
CA GLU B 90 14.75 -19.07 42.58
C GLU B 90 14.57 -17.90 43.54
N ASP B 91 15.64 -17.39 44.13
CA ASP B 91 15.44 -16.25 45.02
C ASP B 91 15.06 -14.98 44.26
N ILE B 92 15.20 -14.93 42.93
CA ILE B 92 14.81 -13.70 42.24
C ILE B 92 13.32 -13.42 42.41
N LEU B 93 12.53 -14.40 42.84
CA LEU B 93 11.12 -14.16 43.16
C LEU B 93 10.94 -13.14 44.28
N GLN B 94 12.02 -12.79 44.98
CA GLN B 94 11.94 -11.75 45.99
C GLN B 94 11.78 -10.36 45.37
N LEU B 95 12.27 -10.17 44.15
CA LEU B 95 12.15 -8.88 43.50
C LEU B 95 10.70 -8.41 43.39
N TYR B 96 9.72 -9.33 43.43
CA TYR B 96 8.32 -8.91 43.32
C TYR B 96 7.80 -8.11 44.51
N ASN B 97 8.45 -8.17 45.69
CA ASN B 97 7.86 -7.50 46.86
C ASN B 97 8.83 -6.53 47.55
N LEU B 98 9.80 -5.98 46.84
CA LEU B 98 10.72 -5.06 47.50
C LEU B 98 10.02 -3.74 47.82
N PRO B 99 10.27 -3.17 49.02
CA PRO B 99 9.74 -1.84 49.34
C PRO B 99 10.48 -0.74 48.60
N ILE B 100 10.22 -0.65 47.30
CA ILE B 100 11.06 0.21 46.48
C ILE B 100 10.76 1.67 46.75
N GLN B 101 9.51 2.02 47.05
CA GLN B 101 9.16 3.41 47.38
C GLN B 101 9.96 3.87 48.60
N SER B 102 9.94 3.06 49.66
CA SER B 102 10.68 3.40 50.86
C SER B 102 12.17 3.52 50.56
N TYR B 103 12.67 2.70 49.64
CA TYR B 103 14.08 2.75 49.28
C TYR B 103 14.42 4.07 48.58
N LEU B 104 13.58 4.50 47.62
CA LEU B 104 13.84 5.75 46.94
C LEU B 104 13.79 6.95 47.87
N GLU B 105 13.10 6.83 49.01
CA GLU B 105 13.10 7.87 50.02
C GLU B 105 14.28 7.78 50.97
N GLY B 106 15.25 6.90 50.71
CA GLY B 106 16.45 6.80 51.50
C GLY B 106 16.31 6.08 52.82
N LYS B 107 15.32 5.19 52.97
CA LYS B 107 15.00 4.56 54.23
C LYS B 107 15.28 3.05 54.22
N GLN B 108 16.05 2.54 53.25
CA GLN B 108 16.25 1.10 53.15
C GLN B 108 17.69 0.74 52.87
N GLY B 109 18.62 1.66 53.03
CA GLY B 109 20.02 1.31 52.90
C GLY B 109 20.33 0.89 51.48
N ASN B 110 21.29 -0.03 51.37
CA ASN B 110 21.72 -0.48 50.05
C ASN B 110 20.83 -1.61 49.53
N LEU B 111 19.51 -1.40 49.51
CA LEU B 111 18.59 -2.50 49.26
C LEU B 111 18.88 -3.20 47.92
N LEU B 112 19.29 -2.45 46.91
CA LEU B 112 19.37 -3.00 45.56
C LEU B 112 20.79 -3.34 45.13
N GLY B 113 21.80 -3.07 45.96
CA GLY B 113 23.18 -3.22 45.50
C GLY B 113 23.50 -4.63 45.03
N ARG B 114 23.03 -5.64 45.78
CA ARG B 114 23.34 -7.03 45.41
C ARG B 114 22.62 -7.42 44.13
N TRP B 115 21.37 -6.98 43.97
CA TRP B 115 20.65 -7.34 42.76
C TRP B 115 21.29 -6.69 41.54
N ILE B 116 21.65 -5.42 41.64
CA ILE B 116 22.31 -4.73 40.54
C ILE B 116 23.62 -5.43 40.16
N GLU B 117 24.42 -5.81 41.17
CA GLU B 117 25.65 -6.53 40.86
C GLU B 117 25.37 -7.81 40.09
N ARG B 118 24.37 -8.57 40.52
CA ARG B 118 24.03 -9.79 39.77
C ARG B 118 23.53 -9.48 38.35
N SER B 119 22.87 -8.34 38.15
CA SER B 119 22.50 -7.97 36.79
C SER B 119 23.71 -7.56 35.96
N CYS B 120 24.72 -6.95 36.58
CA CYS B 120 25.94 -6.62 35.84
C CYS B 120 26.66 -7.87 35.33
N GLN B 121 26.59 -8.95 36.09
CA GLN B 121 26.78 -10.26 35.49
C GLN B 121 25.52 -10.60 34.72
N LEU B 122 25.63 -11.41 33.70
CA LEU B 122 24.36 -11.71 33.05
C LEU B 122 23.53 -12.66 33.91
N TRP B 123 23.33 -12.31 35.19
CA TRP B 123 22.75 -13.21 36.20
C TRP B 123 23.43 -14.58 36.19
N ASN B 124 24.72 -14.61 35.86
CA ASN B 124 25.50 -15.85 35.78
C ASN B 124 24.87 -16.83 34.79
N LEU B 125 24.30 -16.30 33.73
CA LEU B 125 23.85 -17.04 32.57
C LEU B 125 24.80 -16.74 31.42
N ASP B 126 24.98 -17.68 30.51
CA ASP B 126 25.76 -17.35 29.32
C ASP B 126 24.80 -17.09 28.16
N ASN B 127 23.81 -16.25 28.42
CA ASN B 127 22.64 -16.12 27.56
C ASN B 127 22.05 -14.74 27.76
N PRO B 128 22.41 -13.78 26.90
CA PRO B 128 22.02 -12.38 27.16
C PRO B 128 20.53 -12.13 27.01
N LEU B 129 19.83 -12.89 26.16
CA LEU B 129 18.38 -12.75 26.07
C LEU B 129 17.72 -13.15 27.38
N MET B 130 18.19 -14.21 28.02
CA MET B 130 17.64 -14.55 29.31
C MET B 130 18.08 -13.58 30.40
N ALA B 131 19.21 -12.89 30.22
CA ALA B 131 19.57 -11.90 31.22
C ALA B 131 18.69 -10.67 31.12
N ASP B 132 18.27 -10.30 29.91
CA ASP B 132 17.26 -9.25 29.77
C ASP B 132 15.97 -9.62 30.47
N PHE B 133 15.48 -10.85 30.23
CA PHE B 133 14.29 -11.34 30.92
C PHE B 133 14.37 -11.14 32.44
N LEU B 134 15.48 -11.58 33.05
CA LEU B 134 15.59 -11.46 34.50
C LEU B 134 15.69 -10.00 34.93
N ASP B 135 16.41 -9.17 34.16
CA ASP B 135 16.45 -7.74 34.43
C ASP B 135 15.06 -7.12 34.61
N GLY B 136 14.04 -7.67 33.92
CA GLY B 136 12.69 -7.12 34.03
C GLY B 136 12.13 -7.12 35.44
N LEU B 137 12.46 -8.14 36.23
CA LEU B 137 11.93 -8.19 37.59
C LEU B 137 12.59 -7.17 38.49
N LEU B 138 13.82 -6.73 38.18
CA LEU B 138 14.42 -5.58 38.85
C LEU B 138 13.92 -4.27 38.26
N VAL B 139 13.85 -4.21 36.93
CA VAL B 139 13.66 -2.93 36.25
C VAL B 139 12.22 -2.43 36.41
N ILE B 140 11.25 -3.34 36.36
CA ILE B 140 9.86 -2.91 36.19
C ILE B 140 9.29 -2.27 37.45
N PRO B 141 9.33 -2.90 38.63
CA PRO B 141 8.79 -2.18 39.78
C PRO B 141 9.61 -0.94 40.14
N LEU B 142 10.89 -0.90 39.77
CA LEU B 142 11.67 0.31 39.94
C LEU B 142 11.18 1.42 39.02
N LEU B 143 10.89 1.08 37.77
CA LEU B 143 10.49 2.07 36.79
C LEU B 143 9.18 2.71 37.19
N LEU B 144 8.20 1.90 37.62
CA LEU B 144 6.93 2.41 38.11
C LEU B 144 7.09 3.25 39.37
N ALA B 145 7.98 2.86 40.28
CA ALA B 145 8.21 3.70 41.45
C ALA B 145 8.86 5.03 41.06
N LEU B 146 9.83 5.00 40.14
CA LEU B 146 10.44 6.25 39.66
C LEU B 146 9.42 7.17 38.98
N HIS B 147 8.43 6.59 38.31
CA HIS B 147 7.47 7.40 37.57
C HIS B 147 6.65 8.29 38.49
N LYS B 148 6.27 7.79 39.65
CA LYS B 148 5.38 8.51 40.56
C LYS B 148 5.88 9.91 40.86
N HIS B 149 7.19 10.10 41.02
CA HIS B 149 7.75 11.41 41.28
C HIS B 149 8.64 11.91 40.14
N ASN B 150 8.48 11.36 38.94
CA ASN B 150 9.11 11.90 37.74
C ASN B 150 10.63 11.86 37.84
N LEU B 151 11.16 10.85 38.56
CA LEU B 151 12.58 10.85 38.87
C LEU B 151 13.43 10.49 37.67
N LEU B 152 12.91 9.68 36.76
CA LEU B 152 13.67 9.26 35.59
C LEU B 152 13.49 10.31 34.50
N ALA B 153 14.08 11.47 34.78
CA ALA B 153 14.00 12.67 33.95
C ALA B 153 15.06 13.62 34.47
N ASP B 154 15.53 14.49 33.59
CA ASP B 154 16.75 15.23 33.83
C ASP B 154 16.56 16.64 33.30
N SER B 155 16.75 17.64 34.16
CA SER B 155 16.55 19.04 33.81
C SER B 155 17.70 19.86 34.37
N GLU B 156 17.90 21.05 33.79
CA GLU B 156 18.83 22.01 34.39
C GLU B 156 18.44 22.31 35.82
N ASP B 157 17.13 22.34 36.11
CA ASP B 157 16.65 22.66 37.45
C ASP B 157 16.65 21.44 38.38
N LYS B 158 16.30 20.25 37.86
CA LYS B 158 16.33 19.00 38.63
C LYS B 158 17.28 18.02 37.96
N PRO B 159 18.58 18.10 38.24
CA PRO B 159 19.52 17.12 37.66
C PRO B 159 19.20 15.69 38.09
N LEU B 160 19.53 14.75 37.21
CA LEU B 160 18.92 13.42 37.14
C LEU B 160 18.52 12.83 38.50
N LEU B 161 19.46 12.34 39.31
CA LEU B 161 19.06 11.72 40.57
C LEU B 161 19.37 12.60 41.79
N SER B 162 19.46 13.91 41.61
CA SER B 162 20.09 14.75 42.61
C SER B 162 19.25 14.98 43.86
N SER B 163 18.00 14.56 43.90
CA SER B 163 17.24 14.76 45.12
C SER B 163 17.29 13.56 46.05
N LEU B 164 18.02 12.51 45.73
CA LEU B 164 17.97 11.30 46.54
C LEU B 164 19.25 11.17 47.34
N SER B 165 19.25 10.22 48.28
CA SER B 165 20.41 9.98 49.14
C SER B 165 21.63 9.55 48.32
N SER B 166 22.80 9.70 48.93
CA SER B 166 24.03 9.38 48.20
C SER B 166 24.17 7.88 47.99
N THR B 167 23.57 7.07 48.85
CA THR B 167 23.55 5.63 48.60
C THR B 167 22.65 5.28 47.40
N VAL B 168 21.48 5.91 47.30
CA VAL B 168 20.57 5.61 46.20
C VAL B 168 21.15 6.11 44.88
N GLN B 169 21.80 7.26 44.89
CA GLN B 169 22.45 7.78 43.68
C GLN B 169 23.56 6.85 43.19
N GLU B 170 24.37 6.30 44.10
CA GLU B 170 25.44 5.38 43.69
C GLU B 170 24.87 4.11 43.08
N GLU B 171 23.88 3.50 43.74
CA GLU B 171 23.29 2.24 43.27
C GLU B 171 22.53 2.42 41.96
N LEU B 172 21.58 3.36 41.92
CA LEU B 172 20.83 3.54 40.68
C LEU B 172 21.73 4.08 39.57
N GLY B 173 22.68 4.95 39.93
CA GLY B 173 23.66 5.40 38.96
C GLY B 173 24.39 4.24 38.30
N LYS B 174 24.80 3.26 39.11
CA LYS B 174 25.40 2.04 38.58
C LYS B 174 24.44 1.33 37.62
N LEU B 175 23.23 1.03 38.10
CA LEU B 175 22.25 0.36 37.26
C LEU B 175 21.98 1.15 35.98
N PHE B 176 21.84 2.48 36.10
CA PHE B 176 21.48 3.28 34.92
C PHE B 176 22.60 3.26 33.89
N LEU B 177 23.84 3.32 34.35
CA LEU B 177 24.98 3.21 33.44
C LEU B 177 25.02 1.84 32.79
N HIS B 178 24.71 0.80 33.56
CA HIS B 178 24.70 -0.56 33.03
C HIS B 178 23.63 -0.72 31.95
N LEU B 179 22.41 -0.22 32.20
CA LEU B 179 21.33 -0.40 31.24
C LEU B 179 21.39 0.57 30.06
N GLY B 180 22.31 1.53 30.05
CA GLY B 180 22.37 2.55 29.03
C GLY B 180 21.34 3.65 29.16
N TRP B 181 20.71 3.78 30.34
CA TRP B 181 19.75 4.85 30.60
C TRP B 181 20.41 6.18 30.89
N ALA B 182 21.68 6.15 31.27
CA ALA B 182 22.41 7.36 31.61
C ALA B 182 23.87 7.19 31.20
N ASP B 183 24.55 8.32 31.02
CA ASP B 183 25.97 8.45 30.72
C ASP B 183 26.66 9.21 31.84
N LEU B 184 27.98 9.31 31.72
CA LEU B 184 28.77 10.18 32.60
C LEU B 184 29.39 11.23 31.69
N THR B 185 28.76 12.38 31.60
CA THR B 185 29.20 13.47 30.73
C THR B 185 29.76 14.59 31.60
N ALA B 186 31.00 14.98 31.32
CA ALA B 186 31.72 16.01 32.10
C ALA B 186 31.70 15.70 33.59
N GLY B 187 31.70 14.43 33.97
CA GLY B 187 31.68 14.06 35.37
C GLY B 187 30.32 14.01 36.01
N ARG B 188 29.24 14.19 35.25
CA ARG B 188 27.90 14.28 35.78
C ARG B 188 27.00 13.20 35.18
N LEU B 189 26.22 12.54 36.03
CA LEU B 189 25.25 11.56 35.55
C LEU B 189 24.18 12.28 34.73
N THR B 190 23.97 11.86 33.49
CA THR B 190 23.10 12.56 32.56
C THR B 190 22.27 11.55 31.78
N ILE B 191 20.98 11.85 31.60
CA ILE B 191 20.09 10.88 31.00
C ILE B 191 20.42 10.72 29.51
N THR B 192 20.21 9.52 28.98
CA THR B 192 20.39 9.26 27.56
C THR B 192 19.03 9.29 26.86
N GLU B 193 19.05 9.04 25.56
CA GLU B 193 17.79 8.94 24.82
C GLU B 193 16.98 7.74 25.29
N LEU B 194 17.63 6.60 25.48
CA LEU B 194 16.95 5.41 26.00
C LEU B 194 16.36 5.69 27.38
N GLY B 195 17.09 6.41 28.24
CA GLY B 195 16.55 6.72 29.55
C GLY B 195 15.30 7.59 29.51
N ARG B 196 15.31 8.63 28.67
CA ARG B 196 14.10 9.42 28.47
C ARG B 196 12.95 8.57 27.95
N PHE B 197 13.22 7.72 26.96
CA PHE B 197 12.20 6.81 26.46
C PHE B 197 11.62 5.94 27.58
N MET B 198 12.49 5.30 28.39
CA MET B 198 11.98 4.46 29.48
C MET B 198 11.11 5.25 30.43
N GLY B 199 11.53 6.46 30.80
CA GLY B 199 10.70 7.26 31.68
C GLY B 199 9.37 7.63 31.06
N GLU B 200 9.38 8.01 29.78
CA GLU B 200 8.14 8.33 29.06
C GLU B 200 7.17 7.15 29.06
N ARG B 201 7.69 5.93 28.91
CA ARG B 201 6.85 4.79 28.62
C ARG B 201 6.69 3.85 29.82
N ALA B 202 7.04 4.33 31.01
CA ALA B 202 7.05 3.45 32.18
C ALA B 202 5.70 2.79 32.38
N LEU B 203 4.61 3.49 32.09
CA LEU B 203 3.29 2.89 32.27
C LEU B 203 2.98 1.79 31.27
N ASN B 204 3.86 1.56 30.27
CA ASN B 204 3.69 0.37 29.45
C ASN B 204 3.87 -0.92 30.25
N THR B 205 4.46 -0.84 31.44
CA THR B 205 4.72 -2.03 32.26
C THR B 205 3.70 -2.19 33.39
N ALA B 206 2.74 -1.27 33.50
CA ALA B 206 1.81 -1.32 34.62
C ALA B 206 0.89 -2.51 34.53
N ILE B 207 0.56 -2.96 33.32
CA ILE B 207 -0.38 -4.07 33.21
C ILE B 207 0.26 -5.38 33.67
N VAL B 208 1.48 -5.68 33.22
CA VAL B 208 2.10 -6.90 33.78
C VAL B 208 2.27 -6.76 35.29
N ALA B 209 2.72 -5.58 35.76
CA ALA B 209 2.91 -5.40 37.19
C ALA B 209 1.63 -5.58 37.98
N SER B 210 0.47 -5.22 37.40
CA SER B 210 -0.78 -5.38 38.11
C SER B 210 -1.12 -6.85 38.33
N TYR B 211 -0.51 -7.76 37.59
CA TYR B 211 -0.77 -9.19 37.82
C TYR B 211 0.20 -9.81 38.84
N THR B 212 1.00 -8.98 39.52
CA THR B 212 1.92 -9.48 40.55
C THR B 212 1.25 -10.45 41.53
N PRO B 213 0.05 -10.20 42.07
CA PRO B 213 -0.54 -11.18 43.00
C PRO B 213 -0.76 -12.56 42.37
N MET B 214 -1.28 -12.59 41.15
CA MET B 214 -1.48 -13.87 40.48
C MET B 214 -0.16 -14.56 40.21
N LEU B 215 0.86 -13.79 39.83
CA LEU B 215 2.13 -14.42 39.48
C LEU B 215 2.82 -14.98 40.71
N SER B 216 2.64 -14.33 41.86
CA SER B 216 3.15 -14.85 43.13
C SER B 216 2.51 -16.17 43.53
N ARG B 217 1.30 -16.47 43.06
CA ARG B 217 0.68 -17.74 43.39
C ARG B 217 0.54 -18.63 42.16
N ILE B 218 1.46 -18.51 41.20
CA ILE B 218 1.28 -19.24 39.95
C ILE B 218 1.40 -20.74 40.17
N HIS B 219 2.02 -21.18 41.26
CA HIS B 219 2.05 -22.61 41.56
C HIS B 219 0.65 -23.15 41.80
N ASP B 220 -0.13 -22.46 42.61
CA ASP B 220 -1.51 -22.87 42.83
C ASP B 220 -2.30 -22.87 41.51
N VAL B 221 -2.10 -21.82 40.70
CA VAL B 221 -2.84 -21.70 39.44
C VAL B 221 -2.59 -22.91 38.55
N LEU B 222 -1.35 -23.33 38.46
CA LEU B 222 -0.96 -24.43 37.59
C LEU B 222 -1.24 -25.79 38.22
N PHE B 223 -0.99 -25.96 39.54
CA PHE B 223 -0.96 -27.28 40.15
C PHE B 223 -1.84 -27.50 41.38
N GLY B 224 -2.53 -26.49 41.89
CA GLY B 224 -3.54 -26.80 42.88
C GLY B 224 -4.41 -25.67 43.40
N ASN B 225 -5.72 -25.85 43.34
CA ASN B 225 -6.64 -24.85 43.89
C ASN B 225 -6.41 -23.48 43.26
N CYS B 226 -6.60 -23.44 41.94
CA CYS B 226 -6.66 -22.15 41.26
C CYS B 226 -7.82 -21.31 41.76
N LEU B 227 -8.88 -21.93 42.28
CA LEU B 227 -10.07 -21.20 42.73
C LEU B 227 -9.76 -20.22 43.85
N SER B 228 -8.83 -20.55 44.76
CA SER B 228 -8.51 -19.62 45.85
C SER B 228 -7.91 -18.33 45.29
N VAL B 229 -6.92 -18.46 44.42
CA VAL B 229 -6.55 -17.36 43.56
C VAL B 229 -7.84 -17.00 42.79
N PHE B 230 -8.03 -15.73 42.48
CA PHE B 230 -9.20 -15.25 41.72
C PHE B 230 -10.44 -15.02 42.58
N GLN B 231 -10.53 -15.60 43.77
CA GLN B 231 -11.56 -15.20 44.72
C GLN B 231 -11.52 -13.70 44.94
N ARG B 232 -12.66 -13.10 45.25
CA ARG B 232 -12.66 -11.69 45.63
C ARG B 232 -12.46 -11.55 47.14
N ASP B 233 -11.90 -10.41 47.56
CA ASP B 233 -11.65 -10.18 48.97
C ASP B 233 -12.95 -9.75 49.67
N ALA B 234 -12.83 -9.38 50.95
CA ALA B 234 -14.02 -9.08 51.74
C ALA B 234 -14.82 -7.90 51.19
N SER B 235 -14.18 -6.99 50.44
CA SER B 235 -14.85 -5.84 49.85
C SER B 235 -15.30 -6.07 48.41
N GLY B 236 -15.14 -7.28 47.86
CA GLY B 236 -15.51 -7.55 46.48
C GLY B 236 -14.43 -7.27 45.45
N HIS B 237 -13.28 -6.73 45.86
CA HIS B 237 -12.18 -6.48 44.94
C HIS B 237 -11.46 -7.78 44.60
N GLU B 238 -10.84 -7.79 43.42
CA GLU B 238 -10.17 -8.98 42.90
C GLU B 238 -8.83 -9.20 43.58
N ARG B 239 -8.56 -10.44 44.01
CA ARG B 239 -7.30 -10.75 44.69
C ARG B 239 -6.16 -11.04 43.73
N HIS B 240 -6.44 -11.45 42.50
CA HIS B 240 -5.38 -11.83 41.58
C HIS B 240 -4.74 -10.63 40.86
N ILE B 241 -5.27 -9.43 41.04
CA ILE B 241 -4.75 -8.23 40.40
C ILE B 241 -4.94 -7.01 41.28
N ASP B 242 -4.07 -6.04 41.08
CA ASP B 242 -4.27 -4.66 41.51
C ASP B 242 -5.03 -3.95 40.38
N ARG B 243 -6.36 -3.78 40.55
CA ARG B 243 -7.19 -3.31 39.43
C ARG B 243 -6.93 -1.85 39.09
N THR B 244 -6.71 -1.01 40.11
CA THR B 244 -6.51 0.40 39.81
C THR B 244 -5.19 0.65 39.10
N LEU B 245 -4.13 -0.13 39.43
CA LEU B 245 -2.92 -0.07 38.63
C LEU B 245 -3.16 -0.60 37.23
N ASN B 246 -3.96 -1.65 37.10
CA ASN B 246 -4.25 -2.22 35.79
C ASN B 246 -4.97 -1.22 34.91
N VAL B 247 -5.92 -0.48 35.48
CA VAL B 247 -6.63 0.55 34.70
C VAL B 247 -5.68 1.68 34.31
N ILE B 248 -4.81 2.12 35.23
CA ILE B 248 -3.79 3.09 34.86
C ILE B 248 -3.02 2.60 33.64
N GLY B 249 -2.67 1.31 33.63
CA GLY B 249 -1.87 0.78 32.53
C GLY B 249 -2.62 0.74 31.21
N SER B 250 -3.80 0.10 31.20
CA SER B 250 -4.55 0.00 29.94
C SER B 250 -4.97 1.37 29.43
N GLY B 251 -5.30 2.28 30.35
CA GLY B 251 -5.56 3.65 29.93
C GLY B 251 -4.40 4.29 29.19
N PHE B 252 -3.15 3.96 29.59
CA PHE B 252 -2.01 4.60 28.94
C PHE B 252 -1.71 3.98 27.57
N GLN B 253 -1.81 2.65 27.46
CA GLN B 253 -1.45 1.96 26.22
C GLN B 253 -2.54 2.02 25.17
N HIS B 254 -3.81 2.06 25.58
CA HIS B 254 -4.93 2.19 24.65
C HIS B 254 -5.02 3.57 24.01
N GLN B 255 -4.20 4.52 24.44
CA GLN B 255 -4.27 5.89 23.91
C GLN B 255 -4.02 5.92 22.41
N LYS B 256 -2.95 5.27 21.98
CA LYS B 256 -2.58 5.29 20.55
C LYS B 256 -3.73 4.81 19.70
N TYR B 257 -4.47 3.82 20.19
CA TYR B 257 -5.53 3.24 19.37
C TYR B 257 -6.80 4.08 19.40
N PHE B 258 -7.04 4.82 20.50
CA PHE B 258 -8.22 5.69 20.56
C PHE B 258 -8.14 6.80 19.53
N ALA B 259 -6.94 7.31 19.25
CA ALA B 259 -6.79 8.36 18.25
C ALA B 259 -7.22 7.89 16.86
N ASP B 260 -6.94 6.62 16.53
CA ASP B 260 -7.28 6.12 15.20
C ASP B 260 -8.76 5.87 15.01
N LEU B 261 -9.56 5.97 16.06
CA LEU B 261 -11.01 5.93 15.90
C LEU B 261 -11.55 7.17 15.20
N GLU B 262 -10.70 8.18 14.94
CA GLU B 262 -11.14 9.47 14.42
C GLU B 262 -11.58 9.37 12.97
N GLU B 263 -10.80 8.69 12.13
CA GLU B 263 -11.22 8.56 10.73
C GLU B 263 -12.62 7.96 10.65
N SER B 264 -12.90 6.93 11.46
CA SER B 264 -14.21 6.32 11.40
C SER B 264 -15.28 7.25 11.98
N ILE B 265 -14.97 7.93 13.08
CA ILE B 265 -15.96 8.81 13.69
C ILE B 265 -16.24 10.00 12.79
N LEU B 266 -15.19 10.58 12.20
CA LEU B 266 -15.35 11.68 11.26
C LEU B 266 -16.14 11.25 10.02
N SER B 267 -15.86 10.06 9.51
CA SER B 267 -16.64 9.55 8.39
C SER B 267 -18.12 9.42 8.71
N VAL B 268 -18.46 9.22 9.99
CA VAL B 268 -19.87 9.08 10.35
C VAL B 268 -20.52 10.45 10.50
N PHE B 269 -19.82 11.39 11.12
CA PHE B 269 -20.44 12.66 11.48
C PHE B 269 -20.07 13.77 10.52
N ASN B 270 -19.33 13.45 9.46
CA ASN B 270 -19.29 14.27 8.26
C ASN B 270 -20.27 13.80 7.21
N GLN B 271 -20.69 12.53 7.26
CA GLN B 271 -21.51 11.94 6.19
C GLN B 271 -22.67 12.86 5.84
N LEU B 272 -22.96 12.92 4.54
CA LEU B 272 -23.60 14.04 3.86
C LEU B 272 -24.86 14.56 4.59
N PRO B 273 -25.95 13.79 4.71
CA PRO B 273 -27.18 14.38 5.28
C PRO B 273 -27.18 14.37 6.80
N LEU B 274 -27.29 15.56 7.41
CA LEU B 274 -27.14 15.69 8.85
C LEU B 274 -28.21 14.92 9.60
N GLU B 275 -29.43 14.88 9.06
CA GLU B 275 -30.55 14.23 9.74
C GLU B 275 -30.45 12.70 9.72
N GLU B 276 -29.55 12.13 8.93
CA GLU B 276 -29.34 10.69 8.94
C GLU B 276 -28.30 10.25 9.96
N GLN B 277 -27.56 11.18 10.55
CA GLN B 277 -26.50 10.83 11.49
C GLN B 277 -27.10 10.31 12.80
N PRO B 278 -26.32 9.59 13.61
CA PRO B 278 -26.83 9.07 14.88
C PRO B 278 -27.30 10.20 15.79
N LYS B 279 -28.26 9.86 16.65
CA LYS B 279 -28.61 10.72 17.79
C LYS B 279 -27.82 10.39 19.04
N TYR B 280 -27.22 9.19 19.12
CA TYR B 280 -26.54 8.76 20.33
C TYR B 280 -25.26 8.02 19.98
N ILE B 281 -24.32 8.03 20.93
CA ILE B 281 -23.11 7.21 20.88
C ILE B 281 -23.04 6.44 22.19
N THR B 282 -23.15 5.12 22.11
CA THR B 282 -23.18 4.27 23.30
C THR B 282 -21.86 3.50 23.38
N ASP B 283 -21.03 3.83 24.36
CA ASP B 283 -19.81 3.10 24.66
C ASP B 283 -20.11 2.03 25.71
N MET B 284 -20.24 0.79 25.28
CA MET B 284 -20.27 -0.32 26.23
C MET B 284 -18.92 -0.43 26.94
N GLY B 285 -18.96 -0.59 28.26
CA GLY B 285 -17.76 -0.58 29.09
C GLY B 285 -17.08 0.77 29.13
N CYS B 286 -17.79 1.81 29.53
CA CYS B 286 -17.28 3.17 29.36
C CYS B 286 -16.13 3.49 30.31
N GLY B 287 -15.97 2.73 31.39
CA GLY B 287 -14.81 2.94 32.27
C GLY B 287 -14.93 4.29 32.97
N ASP B 288 -13.89 5.11 32.84
CA ASP B 288 -13.89 6.46 33.39
C ASP B 288 -14.50 7.50 32.43
N GLY B 289 -15.07 7.08 31.31
CA GLY B 289 -15.65 8.01 30.36
C GLY B 289 -14.65 8.68 29.44
N THR B 290 -13.36 8.36 29.57
CA THR B 290 -12.32 8.98 28.76
C THR B 290 -12.63 8.90 27.27
N LEU B 291 -13.00 7.71 26.81
CA LEU B 291 -13.21 7.50 25.39
C LEU B 291 -14.35 8.37 24.86
N LEU B 292 -15.46 8.45 25.60
CA LEU B 292 -16.61 9.22 25.14
C LEU B 292 -16.31 10.72 25.07
N LYS B 293 -15.38 11.20 25.89
CA LYS B 293 -15.03 12.61 25.85
C LYS B 293 -14.13 12.92 24.65
N ARG B 294 -13.16 12.05 24.36
CA ARG B 294 -12.36 12.21 23.15
C ARG B 294 -13.23 12.20 21.90
N VAL B 295 -14.20 11.29 21.83
CA VAL B 295 -15.09 11.24 20.67
C VAL B 295 -15.90 12.53 20.56
N TRP B 296 -16.46 13.00 21.68
CA TRP B 296 -17.25 14.24 21.67
C TRP B 296 -16.43 15.39 21.12
N GLU B 297 -15.18 15.54 21.59
CA GLU B 297 -14.37 16.68 21.18
C GLU B 297 -13.99 16.58 19.71
N THR B 298 -13.73 15.38 19.20
CA THR B 298 -13.49 15.20 17.78
C THR B 298 -14.71 15.61 16.97
N ILE B 299 -15.91 15.34 17.48
CA ILE B 299 -17.11 15.68 16.73
C ILE B 299 -17.39 17.17 16.80
N GLN B 300 -17.24 17.77 17.98
CA GLN B 300 -17.54 19.20 18.15
C GLN B 300 -16.63 20.06 17.28
N PHE B 301 -15.34 19.73 17.20
CA PHE B 301 -14.34 20.61 16.63
C PHE B 301 -14.02 20.32 15.17
N LYS B 302 -14.33 19.13 14.68
CA LYS B 302 -13.81 18.72 13.37
C LYS B 302 -14.85 18.14 12.44
N SER B 303 -16.06 17.86 12.90
CA SER B 303 -17.06 17.30 12.02
C SER B 303 -18.09 18.36 11.66
N ALA B 304 -18.86 18.07 10.61
CA ALA B 304 -19.98 18.93 10.26
C ALA B 304 -21.01 18.98 11.39
N ARG B 305 -21.23 17.84 12.04
CA ARG B 305 -22.20 17.79 13.15
C ARG B 305 -21.84 18.77 14.25
N GLY B 306 -20.54 18.94 14.53
CA GLY B 306 -20.12 19.84 15.58
C GLY B 306 -20.70 21.24 15.45
N LYS B 307 -20.87 21.71 14.23
CA LYS B 307 -21.39 23.05 14.02
C LYS B 307 -22.91 23.13 14.07
N ALA B 308 -23.60 21.98 14.11
CA ALA B 308 -25.07 21.95 14.07
C ALA B 308 -25.66 21.25 15.29
N LEU B 309 -25.02 21.38 16.44
CA LEU B 309 -25.48 20.60 17.61
C LEU B 309 -26.80 21.11 18.15
N GLU B 310 -27.05 22.43 18.07
CA GLU B 310 -28.35 22.94 18.49
C GLU B 310 -29.45 22.50 17.54
N GLN B 311 -29.16 22.50 16.25
CA GLN B 311 -30.04 21.89 15.26
C GLN B 311 -30.31 20.43 15.58
N TYR B 312 -29.28 19.60 15.57
CA TYR B 312 -29.40 18.14 15.75
C TYR B 312 -28.67 17.72 17.02
N PRO B 313 -29.39 17.64 18.15
CA PRO B 313 -28.73 17.28 19.41
C PRO B 313 -28.08 15.90 19.35
N LEU B 314 -26.93 15.77 20.00
CA LEU B 314 -26.23 14.51 20.14
C LEU B 314 -26.07 14.21 21.62
N ARG B 315 -26.30 12.95 22.01
CA ARG B 315 -26.18 12.54 23.41
C ARG B 315 -25.23 11.35 23.52
N LEU B 316 -24.40 11.37 24.56
CA LEU B 316 -23.45 10.28 24.84
C LEU B 316 -24.05 9.35 25.88
N ILE B 317 -23.87 8.05 25.70
CA ILE B 317 -24.42 7.08 26.62
C ILE B 317 -23.29 6.18 27.06
N GLY B 318 -23.07 6.08 28.37
CA GLY B 318 -22.01 5.24 28.88
C GLY B 318 -22.57 4.07 29.66
N VAL B 319 -22.29 2.85 29.21
CA VAL B 319 -22.76 1.64 29.88
C VAL B 319 -21.57 0.95 30.52
N ASP B 320 -21.72 0.55 31.78
CA ASP B 320 -20.67 -0.22 32.41
C ASP B 320 -21.24 -1.09 33.52
N TYR B 321 -20.44 -2.05 33.93
CA TYR B 321 -20.88 -3.11 34.83
C TYR B 321 -20.79 -2.68 36.29
N ASN B 322 -19.71 -2.00 36.68
CA ASN B 322 -19.49 -1.63 38.07
C ASN B 322 -20.03 -0.24 38.38
N GLU B 323 -20.59 -0.09 39.57
CA GLU B 323 -21.26 1.16 39.94
C GLU B 323 -20.26 2.32 40.06
N ALA B 324 -19.02 2.03 40.43
CA ALA B 324 -18.04 3.09 40.55
C ALA B 324 -17.73 3.73 39.19
N SER B 325 -17.62 2.92 38.14
CA SER B 325 -17.29 3.46 36.82
C SER B 325 -18.41 4.37 36.31
N LEU B 326 -19.66 3.99 36.55
CA LEU B 326 -20.77 4.88 36.27
C LEU B 326 -20.59 6.24 36.92
N LYS B 327 -20.15 6.26 38.19
CA LYS B 327 -19.99 7.52 38.89
C LYS B 327 -18.74 8.26 38.43
N ALA B 328 -17.65 7.54 38.15
CA ALA B 328 -16.50 8.21 37.52
C ALA B 328 -16.90 8.81 36.17
N THR B 329 -17.73 8.08 35.40
CA THR B 329 -18.11 8.56 34.08
C THR B 329 -18.97 9.82 34.17
N THR B 330 -19.93 9.86 35.10
CA THR B 330 -20.81 11.02 35.18
C THR B 330 -20.03 12.28 35.57
N ARG B 331 -18.88 12.14 36.24
CA ARG B 331 -18.04 13.29 36.53
C ARG B 331 -17.32 13.76 35.27
N THR B 332 -16.56 12.87 34.62
CA THR B 332 -15.83 13.21 33.40
C THR B 332 -16.74 13.87 32.35
N LEU B 333 -18.01 13.46 32.30
CA LEU B 333 -18.98 13.95 31.32
C LEU B 333 -19.89 15.04 31.89
N ALA B 334 -19.47 15.72 32.97
CA ALA B 334 -20.37 16.61 33.69
C ALA B 334 -20.85 17.76 32.82
N SER B 335 -19.98 18.31 31.98
CA SER B 335 -20.33 19.48 31.20
C SER B 335 -21.07 19.13 29.91
N LEU B 336 -21.37 17.85 29.67
CA LEU B 336 -21.76 17.33 28.37
C LEU B 336 -23.10 16.62 28.44
N PRO B 337 -23.85 16.57 27.33
CA PRO B 337 -25.11 15.81 27.29
C PRO B 337 -24.83 14.31 27.37
N HIS B 338 -25.31 13.68 28.44
CA HIS B 338 -25.00 12.27 28.60
C HIS B 338 -26.05 11.59 29.46
N LEU B 339 -25.99 10.26 29.44
CA LEU B 339 -26.75 9.38 30.30
C LEU B 339 -25.84 8.22 30.67
N VAL B 340 -25.93 7.76 31.91
CA VAL B 340 -25.17 6.60 32.37
C VAL B 340 -26.13 5.51 32.82
N LEU B 341 -25.70 4.26 32.62
CA LEU B 341 -26.57 3.08 32.71
C LEU B 341 -25.75 1.86 33.14
N GLN B 342 -26.41 0.93 33.81
CA GLN B 342 -25.77 -0.30 34.24
C GLN B 342 -25.99 -1.39 33.20
N GLY B 343 -24.96 -2.17 32.92
CA GLY B 343 -25.08 -3.21 31.91
C GLY B 343 -23.77 -3.93 31.69
N ASP B 344 -23.85 -5.01 30.90
CA ASP B 344 -22.72 -5.90 30.68
C ASP B 344 -22.60 -6.18 29.18
N ILE B 345 -21.37 -6.46 28.75
CA ILE B 345 -21.09 -6.65 27.34
C ILE B 345 -21.76 -7.91 26.82
N GLY B 346 -22.02 -8.89 27.68
CA GLY B 346 -22.69 -10.11 27.27
C GLY B 346 -24.19 -10.00 27.08
N ASN B 347 -24.81 -8.88 27.41
CA ASN B 347 -26.28 -8.76 27.45
C ASN B 347 -26.74 -7.48 26.75
N PRO B 348 -26.53 -7.38 25.45
CA PRO B 348 -27.03 -6.19 24.74
C PRO B 348 -28.54 -6.07 24.81
N GLU B 349 -29.24 -7.20 24.97
CA GLU B 349 -30.70 -7.16 25.04
C GLU B 349 -31.18 -6.44 26.30
N GLN B 350 -30.64 -6.82 27.47
CA GLN B 350 -30.94 -6.09 28.69
C GLN B 350 -30.61 -4.61 28.57
N MET B 351 -29.59 -4.26 27.78
CA MET B 351 -29.20 -2.85 27.64
C MET B 351 -30.30 -2.04 26.93
N VAL B 352 -30.85 -2.54 25.82
CA VAL B 352 -31.90 -1.80 25.14
C VAL B 352 -33.16 -1.70 26.01
N ARG B 353 -33.35 -2.62 26.95
CA ARG B 353 -34.46 -2.51 27.90
C ARG B 353 -34.17 -1.46 28.97
N SER B 354 -32.91 -1.35 29.41
CA SER B 354 -32.55 -0.31 30.37
C SER B 354 -32.72 1.08 29.76
N LEU B 355 -32.30 1.24 28.51
CA LEU B 355 -32.53 2.50 27.81
C LEU B 355 -34.02 2.77 27.61
N GLU B 356 -34.85 1.73 27.69
CA GLU B 356 -36.29 1.94 27.63
C GLU B 356 -36.78 2.70 28.85
N ALA B 357 -36.42 2.24 30.05
CA ALA B 357 -36.67 3.00 31.27
C ALA B 357 -36.27 4.46 31.13
N HIS B 358 -34.98 4.71 30.91
CA HIS B 358 -34.45 6.07 30.96
C HIS B 358 -34.92 6.97 29.83
N GLY B 359 -35.96 6.56 29.11
CA GLY B 359 -36.65 7.46 28.20
C GLY B 359 -36.19 7.44 26.76
N ILE B 360 -35.34 6.51 26.36
CA ILE B 360 -34.90 6.40 24.98
C ILE B 360 -35.74 5.33 24.30
N HIS B 361 -36.54 5.75 23.33
CA HIS B 361 -37.45 4.88 22.60
C HIS B 361 -37.00 4.62 21.17
N ASP B 362 -35.89 5.21 20.74
CA ASP B 362 -35.34 4.99 19.40
C ASP B 362 -33.91 4.43 19.44
N PRO B 363 -33.69 3.25 20.08
CA PRO B 363 -32.35 2.62 20.00
C PRO B 363 -31.83 2.42 18.58
N GLU B 364 -32.74 2.47 17.60
CA GLU B 364 -32.40 2.45 16.19
C GLU B 364 -31.49 3.60 15.75
N ASN B 365 -31.34 4.64 16.55
CA ASN B 365 -30.49 5.77 16.18
C ASN B 365 -29.19 5.82 16.99
N ILE B 366 -28.68 4.66 17.41
CA ILE B 366 -27.47 4.59 18.24
C ILE B 366 -26.29 4.13 17.41
N LEU B 367 -25.17 4.86 17.50
CA LEU B 367 -23.88 4.34 17.09
C LEU B 367 -23.22 3.61 18.27
N HIS B 368 -22.95 2.31 18.10
CA HIS B 368 -22.32 1.51 19.14
C HIS B 368 -20.81 1.44 18.94
N ILE B 369 -20.07 1.74 20.01
CA ILE B 369 -18.62 1.63 20.02
C ILE B 369 -18.21 0.86 21.27
N ARG B 370 -17.07 0.15 21.19
CA ARG B 370 -16.46 -0.54 22.33
C ARG B 370 -14.97 -0.71 22.08
N SER B 371 -14.23 -0.92 23.16
CA SER B 371 -12.77 -0.91 23.12
C SER B 371 -12.23 -2.02 24.02
N PHE B 372 -11.62 -3.05 23.43
CA PHE B 372 -10.92 -4.14 24.12
C PHE B 372 -11.78 -4.80 25.20
N LEU B 373 -12.85 -5.48 24.78
CA LEU B 373 -13.76 -5.92 25.83
C LEU B 373 -14.49 -7.22 25.52
N ASP B 374 -14.67 -7.55 24.22
CA ASP B 374 -15.30 -8.81 23.88
C ASP B 374 -14.55 -10.02 24.45
N HIS B 375 -13.23 -9.93 24.55
CA HIS B 375 -12.44 -11.02 25.13
C HIS B 375 -12.59 -11.12 26.64
N ASP B 376 -13.22 -10.12 27.27
CA ASP B 376 -13.31 -10.03 28.74
C ASP B 376 -14.74 -10.17 29.22
N ARG B 377 -15.44 -11.18 28.74
CA ARG B 377 -16.86 -11.37 29.00
C ARG B 377 -17.06 -12.60 29.86
N LEU B 378 -18.21 -12.65 30.52
CA LEU B 378 -18.65 -13.86 31.19
C LEU B 378 -18.97 -14.92 30.14
N PHE B 379 -18.28 -16.06 30.23
CA PHE B 379 -18.45 -17.14 29.25
C PHE B 379 -19.85 -17.75 29.35
N ILE B 380 -20.66 -17.52 28.32
CA ILE B 380 -21.92 -18.24 28.14
C ILE B 380 -21.66 -19.43 27.21
N PRO B 381 -21.89 -20.66 27.65
CA PRO B 381 -21.59 -21.82 26.82
C PRO B 381 -22.40 -21.83 25.53
N PRO B 382 -21.89 -22.47 24.48
CA PRO B 382 -22.62 -22.48 23.19
C PRO B 382 -23.92 -23.27 23.28
N GLN B 383 -24.99 -22.68 22.75
CA GLN B 383 -26.33 -23.25 22.79
C GLN B 383 -26.77 -23.87 21.47
N LYS B 384 -26.07 -23.63 20.37
CA LYS B 384 -26.47 -24.18 19.07
C LYS B 384 -25.55 -25.36 18.77
N ARG B 385 -26.01 -26.56 19.17
CA ARG B 385 -25.18 -27.75 19.10
C ARG B 385 -24.87 -28.16 17.66
N ASN B 386 -25.79 -27.92 16.73
CA ASN B 386 -25.49 -28.26 15.34
C ASN B 386 -24.36 -27.39 14.80
N GLU B 387 -24.36 -26.09 15.11
CA GLU B 387 -23.27 -25.23 14.66
C GLU B 387 -21.95 -25.59 15.32
N LEU B 388 -22.01 -26.07 16.55
CA LEU B 388 -20.80 -26.45 17.28
C LEU B 388 -20.12 -27.63 16.60
N LYS B 389 -20.89 -28.66 16.26
CA LYS B 389 -20.31 -29.88 15.68
C LYS B 389 -19.71 -29.61 14.31
N GLU B 390 -20.34 -28.74 13.53
CA GLU B 390 -19.90 -28.61 12.15
C GLU B 390 -18.58 -27.85 12.04
N ARG B 391 -18.24 -27.05 13.03
CA ARG B 391 -16.97 -26.35 13.07
C ARG B 391 -15.91 -27.12 13.85
N ALA B 392 -16.22 -28.32 14.35
CA ALA B 392 -15.36 -28.96 15.33
C ALA B 392 -14.03 -29.38 14.73
N HIS B 393 -14.00 -29.66 13.42
CA HIS B 393 -12.78 -30.13 12.78
C HIS B 393 -11.81 -29.02 12.42
N LEU B 394 -12.22 -27.75 12.49
CA LEU B 394 -11.32 -26.66 12.13
C LEU B 394 -10.20 -26.54 13.17
N PRO B 395 -8.96 -26.35 12.75
CA PRO B 395 -7.83 -26.30 13.68
C PRO B 395 -7.59 -24.91 14.27
N TYR B 396 -8.41 -24.56 15.26
CA TYR B 396 -8.23 -23.29 15.93
C TYR B 396 -6.99 -23.33 16.85
N GLN B 397 -6.30 -22.21 16.92
CA GLN B 397 -5.03 -22.08 17.65
C GLN B 397 -5.22 -21.06 18.76
N SER B 398 -5.98 -21.41 19.79
CA SER B 398 -6.24 -20.50 20.90
C SER B 398 -6.40 -21.31 22.17
N VAL B 399 -6.36 -20.61 23.30
CA VAL B 399 -6.27 -21.27 24.61
C VAL B 399 -7.11 -20.48 25.60
N CYS B 400 -8.09 -21.14 26.21
CA CYS B 400 -9.08 -20.49 27.05
C CYS B 400 -9.35 -21.42 28.22
N VAL B 401 -9.47 -20.84 29.42
CA VAL B 401 -9.57 -21.58 30.68
C VAL B 401 -10.90 -21.26 31.34
N ASP B 402 -11.61 -22.28 31.78
CA ASP B 402 -12.87 -22.05 32.51
C ASP B 402 -12.58 -21.73 33.97
N ASP B 403 -13.65 -21.51 34.74
CA ASP B 403 -13.47 -21.04 36.11
C ASP B 403 -13.09 -22.15 37.07
N GLN B 404 -12.97 -23.40 36.61
CA GLN B 404 -12.42 -24.49 37.40
C GLN B 404 -10.98 -24.79 37.05
N GLY B 405 -10.36 -24.01 36.18
CA GLY B 405 -9.04 -24.29 35.68
C GLY B 405 -8.95 -25.30 34.57
N GLU B 406 -10.08 -25.74 34.00
CA GLU B 406 -10.13 -26.69 32.89
C GLU B 406 -9.96 -25.99 31.55
N LEU B 407 -9.40 -26.71 30.58
CA LEU B 407 -9.29 -26.20 29.22
C LEU B 407 -10.66 -26.20 28.51
N ILE B 408 -11.03 -25.07 27.92
CA ILE B 408 -12.23 -24.98 27.09
C ILE B 408 -11.83 -25.28 25.65
N PRO B 409 -12.38 -26.31 25.00
CA PRO B 409 -11.93 -26.64 23.64
C PRO B 409 -12.07 -25.43 22.73
N PRO B 410 -11.06 -25.15 21.90
CA PRO B 410 -11.12 -23.95 21.04
C PRO B 410 -12.40 -23.82 20.22
N HIS B 411 -12.98 -24.93 19.75
CA HIS B 411 -14.16 -24.77 18.90
C HIS B 411 -15.40 -24.43 19.72
N VAL B 412 -15.38 -24.79 21.00
CA VAL B 412 -16.45 -24.40 21.91
C VAL B 412 -16.40 -22.90 22.17
N MET B 413 -15.19 -22.37 22.36
CA MET B 413 -15.05 -20.94 22.56
C MET B 413 -15.48 -20.14 21.32
N VAL B 414 -15.12 -20.62 20.13
CA VAL B 414 -15.44 -19.87 18.91
C VAL B 414 -16.95 -19.84 18.69
N GLN B 415 -17.62 -20.98 18.85
CA GLN B 415 -19.08 -21.00 18.74
C GLN B 415 -19.71 -20.11 19.79
N SER B 416 -19.15 -20.08 21.00
CA SER B 416 -19.64 -19.16 22.01
C SER B 416 -19.45 -17.70 21.56
N LEU B 417 -18.32 -17.39 20.94
CA LEU B 417 -18.12 -16.03 20.46
C LEU B 417 -19.12 -15.70 19.35
N VAL B 418 -19.33 -16.63 18.42
CA VAL B 418 -20.33 -16.41 17.37
C VAL B 418 -21.67 -16.06 17.99
N GLU B 419 -22.12 -16.84 18.98
CA GLU B 419 -23.41 -16.58 19.63
C GLU B 419 -23.43 -15.22 20.32
N HIS B 420 -22.32 -14.82 20.91
CA HIS B 420 -22.19 -13.49 21.51
C HIS B 420 -22.35 -12.40 20.45
N LEU B 421 -21.66 -12.55 19.31
CA LEU B 421 -21.82 -11.52 18.29
C LEU B 421 -23.20 -11.54 17.64
N GLU B 422 -23.90 -12.68 17.71
CA GLU B 422 -25.26 -12.73 17.18
C GLU B 422 -26.22 -11.91 18.03
N ARG B 423 -26.05 -11.95 19.37
CA ARG B 423 -26.87 -11.09 20.22
C ARG B 423 -26.62 -9.62 19.90
N TRP B 424 -25.37 -9.27 19.61
CA TRP B 424 -25.09 -7.88 19.28
C TRP B 424 -25.67 -7.49 17.91
N SER B 425 -25.55 -8.36 16.90
CA SER B 425 -26.07 -8.00 15.58
C SER B 425 -27.57 -7.77 15.62
N GLN B 426 -28.25 -8.33 16.62
CA GLN B 426 -29.67 -8.10 16.80
C GLN B 426 -29.99 -6.68 17.29
N VAL B 427 -29.05 -5.98 17.93
CA VAL B 427 -29.30 -4.59 18.32
C VAL B 427 -28.60 -3.59 17.41
N VAL B 428 -27.68 -4.03 16.55
CA VAL B 428 -26.99 -3.14 15.63
C VAL B 428 -27.98 -2.66 14.56
N ASN B 429 -27.89 -1.37 14.22
CA ASN B 429 -28.76 -0.76 13.23
C ASN B 429 -27.91 -0.23 12.07
N LYS B 430 -28.44 0.72 11.30
CA LYS B 430 -27.72 1.19 10.12
C LYS B 430 -26.44 1.96 10.46
N HIS B 431 -26.27 2.40 11.71
CA HIS B 431 -25.07 3.15 12.04
C HIS B 431 -23.88 2.26 12.42
N GLY B 432 -24.11 1.01 12.74
CA GLY B 432 -23.00 0.06 12.83
C GLY B 432 -22.40 -0.06 14.22
N LEU B 433 -21.22 -0.70 14.28
CA LEU B 433 -20.60 -1.07 15.56
C LEU B 433 -19.08 -1.03 15.38
N MET B 434 -18.41 -0.07 16.04
CA MET B 434 -16.96 0.06 15.95
C MET B 434 -16.31 -0.71 17.09
N ILE B 435 -15.42 -1.65 16.77
CA ILE B 435 -14.78 -2.49 17.78
C ILE B 435 -13.26 -2.40 17.66
N LEU B 436 -12.61 -2.03 18.75
CA LEU B 436 -11.20 -2.30 18.98
C LEU B 436 -11.08 -3.63 19.73
N GLU B 437 -10.16 -4.50 19.29
CA GLU B 437 -10.01 -5.77 19.99
C GLU B 437 -8.57 -6.28 19.88
N VAL B 438 -8.15 -7.05 20.88
CA VAL B 438 -6.82 -7.64 20.92
C VAL B 438 -6.96 -9.15 20.74
N HIS B 439 -5.90 -9.76 20.21
CA HIS B 439 -5.94 -11.11 19.65
C HIS B 439 -4.68 -11.86 20.01
N CYS B 440 -4.75 -13.18 19.90
CA CYS B 440 -3.61 -14.05 20.17
C CYS B 440 -2.91 -14.48 18.87
N LEU B 441 -1.75 -15.13 19.00
CA LEU B 441 -0.97 -15.62 17.87
C LEU B 441 -0.49 -17.04 18.12
N GLU B 442 -0.20 -17.76 17.03
CA GLU B 442 0.39 -19.09 17.10
C GLU B 442 1.76 -19.04 17.77
N PRO B 443 2.15 -20.08 18.50
CA PRO B 443 3.50 -20.10 19.10
C PRO B 443 4.67 -19.90 18.13
N ARG B 444 4.68 -20.57 16.97
CA ARG B 444 5.78 -20.38 16.01
C ARG B 444 5.87 -18.94 15.54
N VAL B 445 4.74 -18.25 15.39
CA VAL B 445 4.81 -16.83 15.02
C VAL B 445 5.29 -15.99 16.21
N VAL B 446 4.88 -16.34 17.43
CA VAL B 446 5.32 -15.57 18.58
C VAL B 446 6.84 -15.64 18.70
N TYR B 447 7.44 -16.81 18.49
CA TYR B 447 8.89 -16.95 18.58
C TYR B 447 9.61 -16.17 17.48
N GLN B 448 9.16 -16.31 16.24
CA GLN B 448 9.80 -15.56 15.16
C GLN B 448 9.88 -14.06 15.43
N PHE B 449 8.89 -13.50 16.13
CA PHE B 449 8.90 -12.08 16.44
C PHE B 449 8.89 -11.83 17.94
N LEU B 450 9.75 -12.55 18.67
CA LEU B 450 9.64 -12.63 20.13
C LEU B 450 9.68 -11.26 20.78
N ASP B 451 10.69 -10.45 20.50
CA ASP B 451 10.76 -9.18 21.21
C ASP B 451 10.22 -8.02 20.39
N LYS B 452 9.57 -8.28 19.28
CA LYS B 452 8.94 -7.21 18.52
C LYS B 452 7.46 -7.08 18.83
N SER B 453 6.91 -7.93 19.69
CA SER B 453 5.50 -7.87 20.05
C SER B 453 5.32 -8.34 21.49
N GLU B 454 4.14 -8.02 22.03
CA GLU B 454 3.77 -8.22 23.42
C GLU B 454 3.16 -9.59 23.71
N ASN B 455 2.93 -10.43 22.70
CA ASN B 455 2.08 -11.61 22.88
C ASN B 455 2.59 -12.57 23.97
N LEU B 456 3.90 -12.79 24.07
CA LEU B 456 4.39 -13.83 24.98
C LEU B 456 3.86 -13.63 26.41
N HIS B 457 4.00 -12.42 26.96
CA HIS B 457 3.45 -12.17 28.29
C HIS B 457 1.97 -11.80 28.26
N PHE B 458 1.50 -11.06 27.25
CA PHE B 458 0.09 -10.65 27.26
C PHE B 458 -0.84 -11.85 27.12
N ASP B 459 -0.56 -12.73 26.15
CA ASP B 459 -1.43 -13.89 25.96
C ASP B 459 -1.44 -14.79 27.18
N ALA B 460 -0.32 -14.85 27.91
CA ALA B 460 -0.25 -15.68 29.11
C ALA B 460 -1.14 -15.15 30.23
N HIS B 461 -0.99 -13.87 30.62
CA HIS B 461 -1.82 -13.44 31.73
C HIS B 461 -3.28 -13.26 31.33
N GLN B 462 -3.59 -13.10 30.04
CA GLN B 462 -5.00 -13.15 29.67
C GLN B 462 -5.52 -14.57 29.79
N GLY B 463 -4.70 -15.57 29.46
CA GLY B 463 -5.15 -16.94 29.59
C GLY B 463 -5.36 -17.35 31.04
N PHE B 464 -4.35 -17.08 31.89
CA PHE B 464 -4.44 -17.40 33.32
C PHE B 464 -5.64 -16.72 33.99
N SER B 465 -5.93 -15.46 33.64
CA SER B 465 -7.05 -14.74 34.24
C SER B 465 -8.38 -15.02 33.57
N GLN B 466 -8.48 -16.13 32.84
CA GLN B 466 -9.74 -16.56 32.19
C GLN B 466 -10.38 -15.44 31.37
N GLN B 467 -9.59 -14.75 30.56
CA GLN B 467 -10.10 -14.00 29.42
C GLN B 467 -9.84 -14.81 28.15
N TYR B 468 -10.56 -14.45 27.07
CA TYR B 468 -10.72 -15.33 25.91
C TYR B 468 -10.25 -14.63 24.63
N LEU B 469 -8.96 -14.73 24.33
CA LEU B 469 -8.43 -14.20 23.08
C LEU B 469 -8.55 -15.24 21.99
N VAL B 470 -8.82 -14.78 20.78
CA VAL B 470 -8.81 -15.61 19.58
C VAL B 470 -7.98 -14.87 18.55
N GLU B 471 -7.68 -15.54 17.44
CA GLU B 471 -6.84 -14.89 16.46
C GLU B 471 -7.65 -13.87 15.64
N ALA B 472 -6.96 -12.87 15.11
CA ALA B 472 -7.64 -11.73 14.50
C ALA B 472 -8.61 -12.15 13.39
N GLU B 473 -8.28 -13.19 12.65
CA GLU B 473 -9.07 -13.58 11.50
C GLU B 473 -10.21 -14.49 11.91
N VAL B 474 -10.07 -15.19 13.03
CA VAL B 474 -11.19 -15.92 13.59
C VAL B 474 -12.24 -14.96 14.12
N PHE B 475 -11.80 -13.86 14.73
CA PHE B 475 -12.77 -12.84 15.13
C PHE B 475 -13.48 -12.28 13.92
N LEU B 476 -12.76 -12.06 12.82
CA LEU B 476 -13.38 -11.53 11.60
C LEU B 476 -14.46 -12.48 11.10
N MET B 477 -14.11 -13.77 10.96
CA MET B 477 -15.07 -14.77 10.53
C MET B 477 -16.27 -14.84 11.44
N SER B 478 -16.07 -14.70 12.76
CA SER B 478 -17.21 -14.89 13.67
C SER B 478 -18.24 -13.78 13.51
N ALA B 479 -17.77 -12.55 13.28
CA ALA B 479 -18.70 -11.46 12.96
C ALA B 479 -19.36 -11.68 11.59
N ALA B 480 -18.65 -12.30 10.66
CA ALA B 480 -19.22 -12.50 9.32
C ALA B 480 -20.29 -13.57 9.31
N GLN B 481 -20.18 -14.55 10.21
CA GLN B 481 -21.17 -15.61 10.26
C GLN B 481 -22.49 -15.13 10.84
N VAL B 482 -22.53 -13.94 11.43
CA VAL B 482 -23.77 -13.37 11.96
C VAL B 482 -24.19 -12.10 11.22
N GLY B 483 -23.57 -11.79 10.08
CA GLY B 483 -24.05 -10.72 9.23
C GLY B 483 -23.38 -9.39 9.40
N LEU B 484 -22.21 -9.34 10.06
CA LEU B 484 -21.51 -8.11 10.37
C LEU B 484 -20.19 -8.08 9.63
N PHE B 485 -19.95 -6.99 8.91
CA PHE B 485 -18.84 -6.92 7.97
C PHE B 485 -18.14 -5.58 8.10
N PRO B 486 -16.82 -5.57 8.02
CA PRO B 486 -16.08 -4.33 8.20
C PRO B 486 -16.11 -3.47 6.94
N LYS B 487 -16.21 -2.16 7.15
CA LYS B 487 -15.97 -1.18 6.09
C LYS B 487 -14.46 -1.09 5.91
N LEU B 488 -13.95 -1.74 4.87
CA LEU B 488 -12.51 -1.93 4.75
C LEU B 488 -11.78 -0.62 4.59
N GLU B 489 -12.44 0.41 4.06
CA GLU B 489 -11.81 1.71 3.92
C GLU B 489 -11.41 2.30 5.27
N LEU B 490 -12.06 1.86 6.34
CA LEU B 490 -11.80 2.40 7.66
C LEU B 490 -11.08 1.43 8.59
N SER B 491 -10.99 0.15 8.22
CA SER B 491 -10.35 -0.84 9.06
C SER B 491 -8.86 -0.58 9.24
N LYS B 492 -8.37 -0.82 10.47
CA LYS B 492 -6.94 -0.83 10.73
C LYS B 492 -6.56 -2.14 11.41
N ARG B 493 -5.33 -2.57 11.13
CA ARG B 493 -4.73 -3.70 11.80
C ARG B 493 -3.35 -3.27 12.30
N TYR B 494 -2.91 -3.89 13.39
CA TYR B 494 -1.66 -3.52 14.05
C TYR B 494 -0.95 -4.80 14.43
N PRO B 495 0.39 -4.82 14.36
CA PRO B 495 1.24 -3.72 13.90
C PRO B 495 1.31 -3.64 12.37
N LYS B 496 1.42 -2.45 11.80
CA LYS B 496 1.22 -2.33 10.36
C LYS B 496 2.37 -2.95 9.57
N THR B 497 3.59 -2.84 10.08
CA THR B 497 4.77 -3.13 9.29
C THR B 497 5.20 -4.60 9.33
N PHE B 498 4.62 -5.43 10.20
CA PHE B 498 4.95 -6.85 10.33
C PHE B 498 3.86 -7.74 9.74
N PRO B 499 4.18 -9.00 9.38
CA PRO B 499 3.18 -9.89 8.77
C PRO B 499 2.33 -10.69 9.74
N PHE B 500 1.96 -10.09 10.88
CA PHE B 500 1.00 -10.70 11.78
C PHE B 500 0.11 -9.60 12.34
N THR B 501 -1.03 -10.00 12.88
CA THR B 501 -1.98 -9.04 13.42
C THR B 501 -2.29 -9.38 14.87
N ARG B 502 -2.06 -8.40 15.75
CA ARG B 502 -2.35 -8.54 17.16
C ARG B 502 -3.52 -7.70 17.63
N ILE B 503 -3.78 -6.56 16.98
CA ILE B 503 -4.89 -5.69 17.33
C ILE B 503 -5.63 -5.32 16.05
N THR B 504 -6.97 -5.28 16.10
CA THR B 504 -7.78 -4.85 14.95
C THR B 504 -8.77 -3.76 15.36
N LEU B 505 -8.91 -2.76 14.49
CA LEU B 505 -9.99 -1.78 14.56
C LEU B 505 -10.90 -2.01 13.35
N ASN B 506 -12.17 -2.33 13.59
CA ASN B 506 -13.15 -2.59 12.55
C ASN B 506 -14.41 -1.77 12.81
N TYR B 507 -14.89 -1.07 11.80
CA TYR B 507 -16.21 -0.46 11.82
C TYR B 507 -17.15 -1.46 11.15
N PHE B 508 -17.84 -2.28 11.95
CA PHE B 508 -18.75 -3.29 11.43
C PHE B 508 -20.09 -2.67 11.01
N GLU B 509 -20.65 -3.20 9.92
CA GLU B 509 -21.97 -2.81 9.44
C GLU B 509 -22.75 -4.08 9.11
N LYS B 510 -24.08 -4.01 9.27
CA LYS B 510 -24.92 -5.13 8.89
C LYS B 510 -25.09 -5.18 7.37
N ARG B 511 -25.08 -6.37 6.82
CA ARG B 511 -25.38 -6.61 5.42
C ARG B 511 -26.34 -7.78 5.30
N PRO B 512 -27.17 -7.81 4.24
CA PRO B 512 -28.23 -8.84 4.15
C PRO B 512 -27.74 -10.22 3.72
N TYR B 513 -26.60 -10.65 4.21
CA TYR B 513 -26.08 -11.97 3.86
C TYR B 513 -25.10 -12.40 4.94
N LYS B 514 -24.57 -13.61 4.80
CA LYS B 514 -23.60 -14.17 5.73
C LYS B 514 -22.48 -14.82 4.95
N ILE B 515 -21.26 -14.73 5.49
CA ILE B 515 -20.08 -15.36 4.92
C ILE B 515 -19.57 -16.33 5.97
N SER B 516 -19.25 -17.56 5.54
CA SER B 516 -18.92 -18.63 6.45
C SER B 516 -17.81 -19.47 5.80
N HIS B 517 -17.28 -20.43 6.57
CA HIS B 517 -16.43 -21.44 5.96
C HIS B 517 -17.27 -22.45 5.20
N ALA B 518 -16.67 -23.08 4.21
CA ALA B 518 -17.34 -24.17 3.52
C ALA B 518 -17.09 -25.47 4.26
N TYR B 519 -18.17 -26.13 4.69
CA TYR B 519 -18.12 -27.40 5.40
C TYR B 519 -18.49 -28.56 4.47
N LEU B 520 -18.15 -29.78 4.89
CA LEU B 520 -18.35 -30.92 4.00
C LEU B 520 -19.82 -31.13 3.65
N SER B 521 -20.73 -30.67 4.51
CA SER B 521 -22.15 -30.79 4.18
C SER B 521 -22.62 -29.71 3.23
N ASP B 522 -21.72 -28.85 2.73
CA ASP B 522 -22.04 -27.90 1.68
C ASP B 522 -21.75 -28.43 0.28
N LEU B 523 -21.18 -29.63 0.16
CA LEU B 523 -20.87 -30.22 -1.14
C LEU B 523 -22.03 -30.18 -2.12
N PRO B 524 -23.25 -30.67 -1.78
CA PRO B 524 -24.35 -30.61 -2.75
C PRO B 524 -24.49 -29.22 -3.37
N ALA B 525 -24.65 -28.20 -2.53
CA ALA B 525 -24.81 -26.85 -3.04
C ALA B 525 -23.57 -26.37 -3.78
N LEU B 526 -22.38 -26.77 -3.31
CA LEU B 526 -21.16 -26.33 -3.97
C LEU B 526 -21.05 -26.88 -5.39
N VAL B 527 -21.32 -28.17 -5.58
CA VAL B 527 -21.20 -28.68 -6.94
C VAL B 527 -22.27 -28.05 -7.83
N ASP B 528 -23.43 -27.70 -7.27
CA ASP B 528 -24.43 -26.93 -8.02
C ASP B 528 -23.88 -25.58 -8.43
N LEU B 529 -23.03 -24.97 -7.59
CA LEU B 529 -22.43 -23.69 -7.93
C LEU B 529 -21.60 -23.79 -9.19
N GLU B 530 -20.75 -24.83 -9.29
CA GLU B 530 -19.97 -25.04 -10.50
C GLU B 530 -20.87 -25.05 -11.73
N VAL B 531 -21.96 -25.81 -11.67
CA VAL B 531 -22.81 -26.01 -12.83
C VAL B 531 -23.49 -24.72 -13.28
N LYS B 532 -23.80 -23.84 -12.34
CA LYS B 532 -24.36 -22.55 -12.75
C LYS B 532 -23.31 -21.50 -13.04
N CYS B 533 -22.01 -21.79 -12.82
CA CYS B 533 -20.97 -20.78 -12.94
C CYS B 533 -19.95 -21.04 -14.05
N TRP B 534 -19.84 -22.24 -14.58
CA TRP B 534 -18.85 -22.56 -15.59
C TRP B 534 -19.47 -23.47 -16.64
N PRO B 535 -19.02 -23.37 -17.89
CA PRO B 535 -19.33 -24.39 -18.90
C PRO B 535 -18.72 -25.72 -18.48
N GLU B 536 -19.06 -26.77 -19.22
CA GLU B 536 -18.75 -28.13 -18.79
C GLU B 536 -17.25 -28.38 -18.70
N ASN B 537 -16.49 -27.97 -19.72
CA ASN B 537 -15.06 -28.28 -19.74
C ASN B 537 -14.26 -27.53 -18.66
N LEU B 538 -14.87 -26.54 -18.00
CA LEU B 538 -14.18 -25.75 -16.99
C LEU B 538 -14.69 -26.00 -15.57
N ARG B 539 -15.42 -27.09 -15.34
CA ARG B 539 -15.98 -27.35 -14.02
C ARG B 539 -15.01 -28.17 -13.19
N ALA B 540 -15.08 -27.96 -11.88
CA ALA B 540 -14.31 -28.73 -10.91
C ALA B 540 -15.12 -29.93 -10.45
N SER B 541 -14.47 -31.10 -10.40
CA SER B 541 -15.18 -32.31 -10.04
C SER B 541 -15.41 -32.37 -8.53
N THR B 542 -16.44 -33.12 -8.15
CA THR B 542 -16.74 -33.24 -6.73
C THR B 542 -15.58 -33.84 -5.96
N HIS B 543 -14.87 -34.80 -6.57
CA HIS B 543 -13.75 -35.43 -5.87
C HIS B 543 -12.65 -34.44 -5.53
N GLU B 544 -12.65 -33.26 -6.15
CA GLU B 544 -11.63 -32.26 -5.85
C GLU B 544 -12.14 -31.11 -5.01
N ILE B 545 -13.40 -30.72 -5.15
CA ILE B 545 -14.00 -29.82 -4.18
C ILE B 545 -13.92 -30.43 -2.77
N ARG B 546 -13.93 -31.76 -2.68
CA ARG B 546 -13.71 -32.42 -1.39
C ARG B 546 -12.26 -32.33 -0.96
N ARG B 547 -11.32 -32.48 -1.90
CA ARG B 547 -9.92 -32.26 -1.57
C ARG B 547 -9.67 -30.84 -1.10
N ARG B 548 -10.55 -29.89 -1.44
CA ARG B 548 -10.36 -28.54 -0.93
C ARG B 548 -10.98 -28.39 0.46
N LEU B 549 -12.14 -28.98 0.69
CA LEU B 549 -12.79 -28.81 1.98
C LEU B 549 -12.15 -29.62 3.09
N GLU B 550 -11.31 -30.59 2.76
CA GLU B 550 -10.58 -31.40 3.73
C GLU B 550 -9.17 -30.90 3.95
N LEU B 551 -8.42 -30.64 2.89
CA LEU B 551 -7.02 -30.25 3.07
C LEU B 551 -6.93 -28.86 3.67
N ASN B 552 -7.63 -27.89 3.07
CA ASN B 552 -7.59 -26.50 3.56
C ASN B 552 -8.96 -26.07 4.04
N PRO B 553 -9.41 -26.56 5.21
CA PRO B 553 -10.77 -26.19 5.68
C PRO B 553 -10.91 -24.71 6.05
N GLN B 554 -9.82 -24.02 6.33
CA GLN B 554 -9.91 -22.58 6.61
C GLN B 554 -9.59 -21.71 5.39
N GLY B 555 -9.39 -22.30 4.21
CA GLY B 555 -9.13 -21.49 3.05
C GLY B 555 -10.26 -21.43 2.03
N ASN B 556 -11.47 -21.83 2.40
CA ASN B 556 -12.63 -21.71 1.52
C ASN B 556 -13.73 -20.99 2.26
N LEU B 557 -14.27 -19.94 1.66
CA LEU B 557 -15.36 -19.17 2.21
C LEU B 557 -16.56 -19.25 1.28
N VAL B 558 -17.73 -19.10 1.87
CA VAL B 558 -19.01 -19.25 1.19
C VAL B 558 -19.86 -18.04 1.53
N LEU B 559 -20.73 -17.62 0.59
CA LEU B 559 -21.64 -16.50 0.84
C LEU B 559 -23.08 -16.98 0.73
N ILE B 560 -23.85 -16.84 1.82
CA ILE B 560 -25.15 -17.48 1.98
C ILE B 560 -26.23 -16.41 2.04
N ILE B 561 -27.42 -16.71 1.47
CA ILE B 561 -28.57 -15.81 1.54
C ILE B 561 -29.80 -16.46 2.17
N GLU B 562 -30.43 -17.39 1.48
CA GLU B 562 -31.63 -18.01 2.05
C GLU B 562 -31.35 -19.41 2.58
N ASP B 563 -30.24 -19.59 3.31
CA ASP B 563 -29.61 -20.90 3.42
C ASP B 563 -29.23 -21.44 2.04
N GLN B 564 -29.07 -20.53 1.08
CA GLN B 564 -28.66 -20.82 -0.29
C GLN B 564 -27.29 -20.23 -0.59
N ILE B 565 -26.34 -21.09 -0.98
CA ILE B 565 -24.97 -20.69 -1.26
C ILE B 565 -24.96 -19.91 -2.57
N ILE B 566 -24.64 -18.62 -2.49
CA ILE B 566 -24.68 -17.76 -3.65
C ILE B 566 -23.31 -17.67 -4.34
N GLY B 567 -22.24 -17.89 -3.58
CA GLY B 567 -20.89 -17.79 -4.10
C GLY B 567 -19.92 -18.47 -3.16
N ALA B 568 -18.75 -18.78 -3.70
CA ALA B 568 -17.71 -19.45 -2.94
C ALA B 568 -16.38 -19.02 -3.50
N ILE B 569 -15.39 -18.94 -2.63
CA ILE B 569 -14.07 -18.55 -3.05
C ILE B 569 -13.10 -19.53 -2.43
N TYR B 570 -12.15 -20.01 -3.22
CA TYR B 570 -11.22 -21.06 -2.81
C TYR B 570 -9.80 -20.58 -2.96
N SER B 571 -9.01 -20.74 -1.92
CA SER B 571 -7.61 -20.33 -1.95
C SER B 571 -6.73 -21.53 -1.65
N GLN B 572 -5.64 -21.65 -2.37
CA GLN B 572 -4.80 -22.82 -2.21
C GLN B 572 -3.38 -22.50 -2.60
N THR B 573 -2.44 -22.89 -1.75
CA THR B 573 -1.06 -22.67 -2.12
C THR B 573 -0.29 -23.95 -1.88
N ILE B 574 0.50 -24.37 -2.87
CA ILE B 574 1.30 -25.59 -2.82
C ILE B 574 2.77 -25.22 -2.93
N THR B 575 3.57 -25.60 -1.94
CA THR B 575 5.01 -25.36 -1.97
C THR B 575 5.72 -26.64 -2.35
N SER B 576 6.67 -26.53 -3.28
CA SER B 576 7.40 -27.71 -3.70
C SER B 576 8.26 -28.20 -2.55
N THR B 577 8.40 -29.52 -2.46
CA THR B 577 9.21 -30.14 -1.41
C THR B 577 10.59 -30.57 -1.92
N GLU B 578 11.04 -30.04 -3.06
CA GLU B 578 12.31 -30.46 -3.64
C GLU B 578 13.47 -29.63 -3.08
N ALA B 579 14.65 -30.25 -3.06
CA ALA B 579 15.90 -29.58 -2.67
C ALA B 579 17.12 -30.31 -3.26
N THR B 593 12.49 -17.40 5.01
CA THR B 593 12.86 -16.02 4.73
C THR B 593 13.24 -15.82 3.25
N PRO B 594 13.93 -16.84 2.60
CA PRO B 594 13.97 -16.87 1.14
C PRO B 594 12.93 -17.83 0.57
N GLN B 595 12.78 -17.89 -0.74
CA GLN B 595 11.56 -18.47 -1.27
C GLN B 595 11.82 -19.48 -2.38
N GLY B 596 11.05 -20.57 -2.33
CA GLY B 596 11.18 -21.68 -3.26
C GLY B 596 9.98 -21.83 -4.17
N SER B 597 9.83 -23.02 -4.78
CA SER B 597 8.82 -23.27 -5.81
C SER B 597 7.41 -23.37 -5.24
N VAL B 598 6.47 -22.69 -5.89
CA VAL B 598 5.14 -22.48 -5.34
C VAL B 598 4.11 -22.46 -6.47
N ILE B 599 2.93 -22.99 -6.15
CA ILE B 599 1.74 -22.85 -6.97
C ILE B 599 0.66 -22.23 -6.09
N GLN B 600 0.11 -21.11 -6.54
CA GLN B 600 -0.96 -20.39 -5.89
C GLN B 600 -2.18 -20.35 -6.78
N LEU B 601 -3.33 -20.61 -6.17
CA LEU B 601 -4.63 -20.67 -6.83
C LEU B 601 -5.64 -19.89 -6.01
N LEU B 602 -6.40 -19.03 -6.68
CA LEU B 602 -7.56 -18.39 -6.09
C LEU B 602 -8.70 -18.58 -7.09
N ALA B 603 -9.79 -19.25 -6.68
CA ALA B 603 -10.96 -19.47 -7.53
C ALA B 603 -12.21 -18.89 -6.86
N LEU B 604 -12.87 -17.98 -7.56
CA LEU B 604 -14.10 -17.34 -7.14
C LEU B 604 -15.25 -17.75 -8.06
N ASN B 605 -16.34 -18.26 -7.47
CA ASN B 605 -17.57 -18.60 -8.18
C ASN B 605 -18.68 -17.73 -7.61
N ILE B 606 -19.40 -17.04 -8.47
CA ILE B 606 -20.54 -16.23 -8.04
C ILE B 606 -21.66 -16.38 -9.07
N LEU B 607 -22.86 -16.75 -8.62
CA LEU B 607 -23.95 -17.10 -9.52
C LEU B 607 -24.23 -15.95 -10.48
N PRO B 608 -24.41 -16.22 -11.77
CA PRO B 608 -24.73 -15.14 -12.71
C PRO B 608 -25.90 -14.31 -12.20
N GLU B 609 -26.87 -14.99 -11.57
CA GLU B 609 -27.99 -14.35 -10.90
C GLU B 609 -27.58 -13.09 -10.13
N PHE B 610 -26.49 -13.15 -9.37
CA PHE B 610 -26.20 -12.14 -8.36
C PHE B 610 -25.00 -11.26 -8.68
N GLN B 611 -24.44 -11.34 -9.89
CA GLN B 611 -23.24 -10.57 -10.17
C GLN B 611 -23.52 -9.08 -10.17
N ALA B 612 -24.66 -8.69 -10.75
CA ALA B 612 -24.95 -7.27 -10.94
C ALA B 612 -24.98 -6.51 -9.61
N ARG B 613 -25.40 -7.15 -8.52
CA ARG B 613 -25.35 -6.51 -7.21
C ARG B 613 -23.93 -6.39 -6.66
N GLY B 614 -22.92 -6.94 -7.34
CA GLY B 614 -21.58 -6.87 -6.83
C GLY B 614 -21.24 -7.79 -5.67
N LEU B 615 -22.05 -8.81 -5.40
CA LEU B 615 -21.70 -9.76 -4.34
C LEU B 615 -20.37 -10.45 -4.62
N GLY B 616 -20.02 -10.63 -5.89
CA GLY B 616 -18.71 -11.20 -6.20
C GLY B 616 -17.59 -10.28 -5.77
N ASN B 617 -17.80 -8.98 -5.92
CA ASN B 617 -16.85 -8.01 -5.41
C ASN B 617 -16.72 -8.11 -3.88
N GLU B 618 -17.85 -8.12 -3.15
CA GLU B 618 -17.79 -8.12 -1.69
C GLU B 618 -17.20 -9.42 -1.12
N LEU B 619 -17.40 -10.57 -1.78
CA LEU B 619 -16.85 -11.81 -1.26
C LEU B 619 -15.34 -11.85 -1.47
N ARG B 620 -14.90 -11.47 -2.66
CA ARG B 620 -13.47 -11.39 -2.96
C ARG B 620 -12.76 -10.37 -2.06
N ASP B 621 -13.35 -9.18 -1.89
CA ASP B 621 -12.72 -8.18 -1.03
C ASP B 621 -12.65 -8.65 0.42
N PHE B 622 -13.72 -9.24 0.93
CA PHE B 622 -13.70 -9.80 2.28
C PHE B 622 -12.61 -10.86 2.40
N MET B 623 -12.49 -11.74 1.38
CA MET B 623 -11.48 -12.81 1.43
C MET B 623 -10.07 -12.25 1.51
N LEU B 624 -9.76 -11.23 0.72
CA LEU B 624 -8.41 -10.69 0.72
C LEU B 624 -8.05 -10.11 2.09
N TYR B 625 -9.02 -9.47 2.74
CA TYR B 625 -8.75 -8.91 4.06
C TYR B 625 -8.61 -10.01 5.10
N TYR B 626 -9.51 -11.00 5.06
CA TYR B 626 -9.36 -12.21 5.87
C TYR B 626 -7.93 -12.77 5.78
N CYS B 627 -7.40 -12.93 4.56
CA CYS B 627 -6.08 -13.53 4.37
C CYS B 627 -4.96 -12.58 4.78
N THR B 628 -5.22 -11.28 4.76
CA THR B 628 -4.25 -10.35 5.31
C THR B 628 -4.13 -10.52 6.83
N LEU B 629 -5.25 -10.58 7.52
CA LEU B 629 -5.26 -10.85 8.95
C LEU B 629 -4.60 -12.17 9.28
N LYS B 630 -4.57 -13.11 8.36
CA LYS B 630 -4.08 -14.44 8.72
C LYS B 630 -2.52 -14.60 8.68
#